data_3WY0
#
_entry.id   3WY0
#
_cell.length_a   70.130
_cell.length_b   104.560
_cell.length_c   73.660
_cell.angle_alpha   90.00
_cell.angle_beta   114.33
_cell.angle_gamma   90.00
#
_symmetry.space_group_name_H-M   'P 1 21 1'
#
loop_
_entity.id
_entity.type
_entity.pdbx_description
1 polymer 'Putative uncharacterized protein csyB'
2 non-polymer 'COENZYME A'
3 water water
#
_entity_poly.entity_id   1
_entity_poly.type   'polypeptide(L)'
_entity_poly.pdbx_seq_one_letter_code
;MGSSHHHHHHSSGLVPRGSHMIEPLPTEDIPKQSVSIVGIASRCAPHKLGADELEAIARRHYSSTPSLEKMLEINRKTRI
DHRYSVFSSDHEHWHRPTIPSFSECDSLFKEYGIPLASAASARAIQDWGGVPDEITHLVAVTCTNTAHPGFDSVLCRKLG
LKCNVRRVLLHGIGCGGGISAMRVAHELLLGSTQQGVPARALIVACEVPTVFARSELDIMDKTQDVNVAMCLFGDCAAAL
VLSNGIGHKASEQRPIWNILNCEPTQFDGTEDIAHFNVHDKGYHAIIDKRIPQLTGKCVPAGFQSLISSTPSLALEEKNY
VPSNYGWAVHPGGYAVLVAAQDALGLTADDLRASYDAYRDGGNTISTTIIRILEKLRDEHKHGSNQKDKLVLAAWGHGIT
LETAILTRPGSSSYLHA
;
_entity_poly.pdbx_strand_id   A,B
#
loop_
_chem_comp.id
_chem_comp.type
_chem_comp.name
_chem_comp.formula
COA non-polymer 'COENZYME A' 'C21 H36 N7 O16 P3 S'
#
# COMPACT_ATOMS: atom_id res chain seq x y z
N SER A 34 -21.69 -3.57 15.43
CA SER A 34 -20.77 -4.58 14.89
C SER A 34 -20.41 -4.32 13.43
N VAL A 35 -19.17 -4.60 13.07
CA VAL A 35 -18.80 -4.57 11.65
C VAL A 35 -19.07 -5.94 11.06
N SER A 36 -19.70 -5.96 9.89
CA SER A 36 -20.08 -7.23 9.30
C SER A 36 -19.69 -7.37 7.84
N ILE A 37 -19.59 -8.63 7.40
CA ILE A 37 -19.42 -8.92 5.99
C ILE A 37 -20.82 -9.11 5.42
N VAL A 38 -21.12 -8.38 4.35
CA VAL A 38 -22.46 -8.38 3.77
C VAL A 38 -22.48 -8.68 2.27
N GLY A 39 -21.30 -8.91 1.70
CA GLY A 39 -21.22 -9.31 0.31
C GLY A 39 -19.93 -10.05 0.05
N ILE A 40 -19.99 -11.09 -0.77
CA ILE A 40 -18.82 -11.90 -1.08
C ILE A 40 -18.87 -12.36 -2.53
N ALA A 41 -17.74 -12.28 -3.24
CA ALA A 41 -17.66 -12.85 -4.57
C ALA A 41 -16.22 -13.10 -4.96
N SER A 42 -16.01 -14.04 -5.88
CA SER A 42 -14.67 -14.27 -6.40
C SER A 42 -14.77 -14.64 -7.86
N ARG A 43 -13.64 -14.61 -8.54
CA ARG A 43 -13.62 -14.90 -9.97
C ARG A 43 -12.21 -15.33 -10.37
N CYS A 44 -12.01 -16.64 -10.53
CA CYS A 44 -10.72 -17.15 -11.00
C CYS A 44 -10.61 -16.82 -12.48
N ALA A 45 -9.40 -16.77 -13.00
CA ALA A 45 -9.24 -16.61 -14.44
C ALA A 45 -9.88 -17.82 -15.16
N PRO A 46 -10.16 -17.69 -16.47
CA PRO A 46 -10.97 -18.69 -17.18
C PRO A 46 -10.21 -19.87 -17.78
N HIS A 47 -8.89 -19.79 -17.93
CA HIS A 47 -8.17 -20.83 -18.66
C HIS A 47 -7.34 -21.76 -17.79
N LYS A 48 -7.62 -23.06 -17.86
CA LYS A 48 -6.91 -24.03 -17.05
C LYS A 48 -5.41 -24.04 -17.31
N LEU A 49 -4.63 -24.13 -16.23
CA LEU A 49 -3.20 -24.32 -16.36
C LEU A 49 -2.86 -25.63 -15.68
N GLY A 50 -3.26 -26.73 -16.30
CA GLY A 50 -3.03 -28.05 -15.73
C GLY A 50 -1.61 -28.50 -15.95
N ALA A 51 -1.25 -29.64 -15.35
CA ALA A 51 0.09 -30.19 -15.48
C ALA A 51 0.55 -30.35 -16.93
N ASP A 52 -0.28 -30.98 -17.76
CA ASP A 52 0.02 -31.09 -19.19
C ASP A 52 0.32 -29.74 -19.82
N GLU A 53 -0.53 -28.74 -19.53
CA GLU A 53 -0.35 -27.41 -20.08
C GLU A 53 0.98 -26.77 -19.66
N LEU A 54 1.34 -26.89 -18.39
CA LEU A 54 2.58 -26.28 -17.90
C LEU A 54 3.77 -26.96 -18.55
N GLU A 55 3.76 -28.28 -18.56
CA GLU A 55 4.82 -29.03 -19.21
C GLU A 55 5.00 -28.61 -20.67
N ALA A 56 3.90 -28.49 -21.40
CA ALA A 56 3.95 -28.06 -22.80
C ALA A 56 4.60 -26.68 -22.95
N ILE A 57 4.24 -25.74 -22.07
CA ILE A 57 4.84 -24.42 -22.07
C ILE A 57 6.34 -24.50 -21.81
N ALA A 58 6.71 -25.29 -20.82
CA ALA A 58 8.11 -25.36 -20.42
C ALA A 58 8.96 -25.97 -21.53
N ARG A 59 8.54 -27.12 -22.06
CA ARG A 59 9.34 -27.83 -23.05
C ARG A 59 9.36 -27.10 -24.38
N ARG A 60 8.37 -26.23 -24.59
CA ARG A 60 8.35 -25.40 -25.78
C ARG A 60 9.56 -24.46 -25.84
N HIS A 61 10.08 -24.06 -24.69
CA HIS A 61 11.08 -23.00 -24.64
C HIS A 61 12.40 -23.43 -24.02
N TYR A 62 12.41 -24.56 -23.32
CA TYR A 62 13.63 -25.03 -22.67
C TYR A 62 13.89 -26.51 -22.90
N SER A 63 15.11 -26.81 -23.33
CA SER A 63 15.57 -28.18 -23.40
C SER A 63 15.67 -28.71 -21.98
N SER A 64 15.60 -30.03 -21.83
CA SER A 64 15.56 -30.68 -20.53
C SER A 64 16.78 -30.37 -19.68
N THR A 65 16.52 -30.08 -18.40
CA THR A 65 17.58 -29.94 -17.41
C THR A 65 17.06 -30.54 -16.12
N PRO A 66 17.97 -30.85 -15.19
CA PRO A 66 17.60 -31.46 -13.89
C PRO A 66 16.57 -30.64 -13.13
N SER A 67 16.73 -29.32 -13.10
CA SER A 67 15.78 -28.48 -12.39
C SER A 67 14.42 -28.46 -13.09
N LEU A 68 14.43 -28.47 -14.41
CA LEU A 68 13.18 -28.55 -15.16
C LEU A 68 12.42 -29.85 -14.85
N GLU A 69 13.12 -30.98 -14.88
CA GLU A 69 12.45 -32.25 -14.62
C GLU A 69 11.97 -32.33 -13.17
N LYS A 70 12.75 -31.80 -12.25
CA LYS A 70 12.36 -31.79 -10.85
C LYS A 70 11.12 -30.91 -10.60
N MET A 71 11.11 -29.73 -11.20
CA MET A 71 9.93 -28.86 -11.08
C MET A 71 8.68 -29.53 -11.64
N LEU A 72 8.79 -30.10 -12.84
CA LEU A 72 7.63 -30.76 -13.45
C LEU A 72 7.17 -31.96 -12.64
N GLU A 73 8.11 -32.66 -12.02
CA GLU A 73 7.77 -33.80 -11.17
C GLU A 73 7.02 -33.35 -9.92
N ILE A 74 7.51 -32.28 -9.29
CA ILE A 74 6.83 -31.72 -8.13
C ILE A 74 5.45 -31.19 -8.53
N ASN A 75 5.39 -30.58 -9.71
CA ASN A 75 4.16 -29.98 -10.20
C ASN A 75 3.01 -30.99 -10.21
N ARG A 76 3.32 -32.23 -10.55
CA ARG A 76 2.28 -33.26 -10.57
C ARG A 76 1.94 -33.82 -9.18
N LYS A 77 2.63 -33.35 -8.14
CA LYS A 77 2.37 -33.84 -6.79
C LYS A 77 1.78 -32.81 -5.83
N THR A 78 1.38 -31.65 -6.36
CA THR A 78 0.86 -30.56 -5.54
C THR A 78 -0.53 -30.84 -4.97
N ARG A 79 -1.23 -31.82 -5.56
CA ARG A 79 -2.61 -32.10 -5.19
C ARG A 79 -3.55 -30.94 -5.52
N ILE A 80 -3.10 -30.08 -6.44
CA ILE A 80 -3.97 -29.10 -7.08
C ILE A 80 -4.55 -29.73 -8.34
N ASP A 81 -5.87 -29.89 -8.38
CA ASP A 81 -6.58 -30.46 -9.53
C ASP A 81 -6.75 -29.44 -10.66
N HIS A 82 -7.04 -28.19 -10.28
CA HIS A 82 -7.16 -27.11 -11.25
C HIS A 82 -6.53 -25.82 -10.71
N ARG A 83 -5.76 -25.13 -11.54
CA ARG A 83 -5.53 -23.71 -11.33
C ARG A 83 -5.65 -23.00 -12.67
N TYR A 84 -5.82 -21.68 -12.63
CA TYR A 84 -6.20 -20.91 -13.82
C TYR A 84 -5.27 -19.75 -14.15
N SER A 85 -5.22 -19.42 -15.44
CA SER A 85 -4.45 -18.29 -15.92
C SER A 85 -5.37 -17.42 -16.79
N VAL A 86 -5.08 -16.13 -16.85
CA VAL A 86 -5.75 -15.22 -17.77
C VAL A 86 -5.33 -15.48 -19.22
N PHE A 87 -4.28 -16.29 -19.40
CA PHE A 87 -3.70 -16.55 -20.71
C PHE A 87 -4.08 -17.93 -21.26
N SER A 88 -4.83 -17.95 -22.35
CA SER A 88 -5.21 -19.19 -23.00
C SER A 88 -3.98 -19.90 -23.54
N SER A 89 -4.13 -21.19 -23.85
CA SER A 89 -3.04 -22.01 -24.33
C SER A 89 -2.41 -21.43 -25.59
N ASP A 90 -3.24 -20.75 -26.39
CA ASP A 90 -2.78 -20.19 -27.66
C ASP A 90 -2.35 -18.73 -27.55
N HIS A 91 -2.40 -18.16 -26.34
CA HIS A 91 -2.01 -16.77 -26.14
C HIS A 91 -0.53 -16.57 -26.42
N GLU A 92 -0.16 -15.45 -27.05
CA GLU A 92 1.25 -15.14 -27.34
C GLU A 92 2.16 -15.20 -26.11
N HIS A 93 1.60 -14.91 -24.93
CA HIS A 93 2.34 -14.98 -23.66
C HIS A 93 3.08 -16.32 -23.55
N TRP A 94 2.45 -17.40 -24.01
CA TRP A 94 3.07 -18.72 -23.89
C TRP A 94 3.90 -19.13 -25.10
N HIS A 95 3.89 -18.31 -26.16
CA HIS A 95 4.56 -18.70 -27.41
C HIS A 95 5.72 -17.79 -27.82
N ARG A 96 5.66 -16.53 -27.38
CA ARG A 96 6.70 -15.56 -27.70
C ARG A 96 8.08 -16.09 -27.30
N PRO A 97 9.10 -15.82 -28.13
CA PRO A 97 10.46 -16.26 -27.85
C PRO A 97 11.15 -15.44 -26.76
N THR A 98 10.69 -14.21 -26.53
CA THR A 98 11.28 -13.35 -25.50
C THR A 98 10.49 -13.34 -24.18
N ILE A 99 11.21 -13.07 -23.09
CA ILE A 99 10.60 -12.86 -21.79
C ILE A 99 9.98 -11.47 -21.74
N PRO A 100 8.73 -11.38 -21.28
CA PRO A 100 8.11 -10.05 -21.26
C PRO A 100 8.88 -9.05 -20.40
N SER A 101 8.92 -7.79 -20.84
CA SER A 101 9.52 -6.71 -20.07
C SER A 101 8.60 -6.39 -18.90
N PHE A 102 9.09 -5.63 -17.93
CA PHE A 102 8.29 -5.24 -16.77
C PHE A 102 7.12 -4.37 -17.24
N SER A 103 7.40 -3.51 -18.22
CA SER A 103 6.36 -2.66 -18.78
C SER A 103 5.25 -3.50 -19.41
N GLU A 104 5.64 -4.54 -20.12
CA GLU A 104 4.68 -5.48 -20.65
C GLU A 104 3.91 -6.17 -19.52
N CYS A 105 4.62 -6.58 -18.48
CA CYS A 105 3.97 -7.26 -17.35
C CYS A 105 2.91 -6.39 -16.71
N ASP A 106 3.19 -5.08 -16.66
CA ASP A 106 2.26 -4.12 -16.12
C ASP A 106 1.03 -3.95 -17.02
N SER A 107 1.26 -3.81 -18.33
CA SER A 107 0.19 -3.71 -19.32
C SER A 107 -0.72 -4.93 -19.28
N LEU A 108 -0.12 -6.11 -19.08
CA LEU A 108 -0.86 -7.36 -19.02
C LEU A 108 -1.81 -7.40 -17.82
N PHE A 109 -1.32 -6.92 -16.67
CA PHE A 109 -2.12 -6.83 -15.47
C PHE A 109 -3.27 -5.86 -15.67
N LYS A 110 -2.99 -4.73 -16.31
CA LYS A 110 -4.04 -3.77 -16.62
C LYS A 110 -5.09 -4.39 -17.55
N GLU A 111 -4.63 -5.15 -18.54
CA GLU A 111 -5.52 -5.68 -19.57
C GLU A 111 -6.37 -6.86 -19.09
N TYR A 112 -5.78 -7.74 -18.29
CA TYR A 112 -6.47 -8.95 -17.84
C TYR A 112 -6.87 -8.94 -16.37
N GLY A 113 -6.00 -8.38 -15.54
CA GLY A 113 -6.23 -8.35 -14.11
C GLY A 113 -7.31 -7.39 -13.67
N ILE A 114 -7.28 -6.16 -14.18
CA ILE A 114 -8.25 -5.17 -13.72
C ILE A 114 -9.69 -5.56 -14.08
N PRO A 115 -9.92 -6.08 -15.30
CA PRO A 115 -11.28 -6.52 -15.62
C PRO A 115 -11.76 -7.66 -14.71
N LEU A 116 -10.86 -8.57 -14.36
CA LEU A 116 -11.16 -9.62 -13.40
C LEU A 116 -11.56 -9.00 -12.05
N ALA A 117 -10.82 -7.99 -11.61
CA ALA A 117 -11.10 -7.30 -10.37
C ALA A 117 -12.43 -6.54 -10.41
N SER A 118 -12.71 -5.86 -11.51
CA SER A 118 -13.98 -5.13 -11.57
C SER A 118 -15.17 -6.10 -11.63
N ALA A 119 -15.00 -7.26 -12.28
CA ALA A 119 -16.05 -8.30 -12.28
C ALA A 119 -16.34 -8.83 -10.88
N ALA A 120 -15.28 -9.18 -10.14
CA ALA A 120 -15.42 -9.67 -8.76
C ALA A 120 -16.05 -8.62 -7.87
N SER A 121 -15.59 -7.38 -8.01
CA SER A 121 -16.09 -6.25 -7.22
C SER A 121 -17.59 -6.02 -7.52
N ALA A 122 -17.93 -5.97 -8.79
CA ALA A 122 -19.32 -5.77 -9.19
C ALA A 122 -20.20 -6.87 -8.61
N ARG A 123 -19.72 -8.11 -8.71
CA ARG A 123 -20.52 -9.24 -8.20
C ARG A 123 -20.67 -9.22 -6.67
N ALA A 124 -19.65 -8.72 -5.97
CA ALA A 124 -19.74 -8.62 -4.52
C ALA A 124 -20.72 -7.51 -4.14
N ILE A 125 -20.67 -6.41 -4.87
CA ILE A 125 -21.61 -5.33 -4.67
C ILE A 125 -23.03 -5.82 -4.97
N GLN A 126 -23.17 -6.64 -5.99
CA GLN A 126 -24.45 -7.26 -6.31
C GLN A 126 -24.94 -8.16 -5.16
N ASP A 127 -24.02 -8.95 -4.60
CA ASP A 127 -24.35 -9.83 -3.48
C ASP A 127 -24.82 -8.99 -2.30
N TRP A 128 -24.16 -7.85 -2.09
CA TRP A 128 -24.49 -6.95 -1.01
C TRP A 128 -25.89 -6.37 -1.21
N GLY A 129 -26.17 -5.89 -2.42
CA GLY A 129 -27.47 -5.35 -2.75
C GLY A 129 -27.55 -3.82 -2.71
N GLY A 130 -26.53 -3.18 -2.14
CA GLY A 130 -26.55 -1.72 -2.07
C GLY A 130 -26.11 -1.07 -3.37
N VAL A 131 -26.01 0.25 -3.38
CA VAL A 131 -25.59 0.94 -4.60
C VAL A 131 -24.15 1.45 -4.49
N PRO A 132 -23.42 1.39 -5.63
CA PRO A 132 -22.00 1.74 -5.73
C PRO A 132 -21.64 3.08 -5.10
N ASP A 133 -22.42 4.13 -5.34
CA ASP A 133 -22.02 5.44 -4.82
C ASP A 133 -22.28 5.61 -3.33
N GLU A 134 -22.62 4.52 -2.66
CA GLU A 134 -22.74 4.55 -1.22
C GLU A 134 -21.65 3.73 -0.54
N ILE A 135 -20.69 3.29 -1.34
CA ILE A 135 -19.47 2.71 -0.80
C ILE A 135 -18.62 3.87 -0.30
N THR A 136 -18.20 3.82 0.96
CA THR A 136 -17.43 4.92 1.57
C THR A 136 -15.92 4.69 1.49
N HIS A 137 -15.52 3.42 1.50
CA HIS A 137 -14.11 3.07 1.57
C HIS A 137 -13.78 2.00 0.54
N LEU A 138 -12.60 2.11 -0.04
CA LEU A 138 -12.10 1.10 -0.93
C LEU A 138 -10.75 0.63 -0.39
N VAL A 139 -10.64 -0.66 -0.05
CA VAL A 139 -9.37 -1.25 0.37
C VAL A 139 -8.94 -2.32 -0.62
N ALA A 140 -7.90 -2.02 -1.40
CA ALA A 140 -7.43 -2.90 -2.45
C ALA A 140 -6.05 -3.49 -2.12
N VAL A 141 -5.77 -4.64 -2.70
CA VAL A 141 -4.49 -5.29 -2.44
C VAL A 141 -4.08 -6.16 -3.62
N THR A 142 -2.79 -6.12 -3.94
CA THR A 142 -2.17 -7.01 -4.91
C THR A 142 -0.67 -7.07 -4.66
N CYS A 143 -0.03 -8.17 -5.07
CA CYS A 143 1.43 -8.20 -5.06
C CYS A 143 1.98 -8.55 -6.44
N THR A 144 1.13 -8.47 -7.47
CA THR A 144 1.52 -8.84 -8.81
C THR A 144 1.44 -7.64 -9.76
N ASN A 145 1.42 -6.44 -9.18
CA ASN A 145 1.42 -5.20 -9.95
C ASN A 145 1.97 -4.06 -9.10
N THR A 146 2.72 -3.16 -9.74
CA THR A 146 3.07 -1.90 -9.10
C THR A 146 2.88 -0.79 -10.10
N ALA A 147 2.12 0.22 -9.72
CA ALA A 147 1.74 1.27 -10.68
C ALA A 147 1.35 2.53 -9.95
N HIS A 148 1.50 3.67 -10.62
CA HIS A 148 1.08 4.96 -10.11
C HIS A 148 0.40 5.68 -11.27
N PRO A 149 -0.93 5.80 -11.22
CA PRO A 149 -1.78 5.36 -10.12
C PRO A 149 -1.95 3.83 -10.07
N GLY A 150 -2.31 3.33 -8.90
CA GLY A 150 -2.54 1.90 -8.71
C GLY A 150 -3.86 1.47 -9.29
N PHE A 151 -4.10 0.16 -9.31
CA PHE A 151 -5.31 -0.36 -9.95
C PHE A 151 -6.59 0.04 -9.21
N ASP A 152 -6.47 0.42 -7.95
CA ASP A 152 -7.60 0.90 -7.16
C ASP A 152 -8.26 2.13 -7.79
N SER A 153 -7.44 3.00 -8.34
CA SER A 153 -7.94 4.23 -8.96
C SER A 153 -8.80 3.91 -10.18
N VAL A 154 -8.30 3.03 -11.04
CA VAL A 154 -9.04 2.56 -12.20
C VAL A 154 -10.39 1.95 -11.82
N LEU A 155 -10.39 1.14 -10.76
CA LEU A 155 -11.61 0.51 -10.29
C LEU A 155 -12.68 1.51 -9.87
N CYS A 156 -12.26 2.59 -9.19
CA CYS A 156 -13.19 3.65 -8.80
C CYS A 156 -13.98 4.15 -9.99
N ARG A 157 -13.26 4.36 -11.10
CA ARG A 157 -13.88 4.85 -12.32
C ARG A 157 -14.74 3.79 -12.99
N LYS A 158 -14.23 2.55 -13.08
CA LYS A 158 -15.00 1.48 -13.70
C LYS A 158 -16.31 1.17 -12.96
N LEU A 159 -16.26 1.16 -11.64
CA LEU A 159 -17.43 0.81 -10.82
C LEU A 159 -18.34 2.00 -10.55
N GLY A 160 -17.89 3.18 -10.93
CA GLY A 160 -18.63 4.41 -10.66
C GLY A 160 -18.75 4.72 -9.18
N LEU A 161 -17.66 4.54 -8.44
CA LEU A 161 -17.66 4.92 -7.04
C LEU A 161 -17.68 6.44 -6.97
N LYS A 162 -18.20 6.99 -5.87
CA LYS A 162 -18.29 8.43 -5.68
C LYS A 162 -16.91 9.10 -5.67
N CYS A 163 -16.87 10.39 -6.00
CA CYS A 163 -15.59 11.08 -6.20
C CYS A 163 -14.78 11.21 -4.91
N ASN A 164 -15.46 11.17 -3.76
CA ASN A 164 -14.76 11.22 -2.47
C ASN A 164 -14.64 9.85 -1.79
N VAL A 165 -14.69 8.77 -2.56
CA VAL A 165 -14.47 7.45 -1.95
C VAL A 165 -13.05 7.41 -1.37
N ARG A 166 -12.91 6.74 -0.24
CA ARG A 166 -11.65 6.78 0.50
C ARG A 166 -10.87 5.52 0.20
N ARG A 167 -9.86 5.65 -0.67
CA ARG A 167 -9.09 4.51 -1.18
C ARG A 167 -7.84 4.27 -0.37
N VAL A 168 -7.48 2.98 -0.29
CA VAL A 168 -6.21 2.50 0.24
C VAL A 168 -5.78 1.35 -0.66
N LEU A 169 -4.53 1.39 -1.13
CA LEU A 169 -3.92 0.26 -1.85
C LEU A 169 -2.78 -0.33 -1.02
N LEU A 170 -2.97 -1.56 -0.53
CA LEU A 170 -1.97 -2.19 0.34
C LEU A 170 -0.89 -2.86 -0.49
N HIS A 171 0.32 -2.88 0.05
CA HIS A 171 1.50 -3.43 -0.62
C HIS A 171 2.37 -4.21 0.38
N GLY A 172 3.28 -5.02 -0.15
CA GLY A 172 4.32 -5.64 0.66
C GLY A 172 3.89 -6.82 1.50
N ILE A 173 2.62 -7.23 1.39
CA ILE A 173 2.06 -8.21 2.31
C ILE A 173 1.86 -9.63 1.71
N GLY A 174 1.68 -9.72 0.40
CA GLY A 174 1.60 -11.02 -0.25
C GLY A 174 0.37 -11.82 0.12
N CYS A 175 0.57 -13.09 0.52
CA CYS A 175 -0.58 -13.97 0.78
C CYS A 175 -1.39 -13.57 2.01
N GLY A 176 -0.81 -12.72 2.87
CA GLY A 176 -1.55 -12.25 4.03
C GLY A 176 -2.54 -11.13 3.69
N GLY A 177 -2.54 -10.68 2.45
CA GLY A 177 -3.26 -9.48 2.05
C GLY A 177 -4.78 -9.49 2.15
N GLY A 178 -5.40 -10.65 1.95
CA GLY A 178 -6.83 -10.74 2.12
C GLY A 178 -7.23 -10.41 3.54
N ILE A 179 -6.59 -11.08 4.50
CA ILE A 179 -6.90 -10.84 5.91
C ILE A 179 -6.42 -9.45 6.32
N SER A 180 -5.26 -9.03 5.82
CA SER A 180 -4.73 -7.68 6.09
C SER A 180 -5.75 -6.60 5.68
N ALA A 181 -6.33 -6.79 4.51
CA ALA A 181 -7.34 -5.84 4.01
C ALA A 181 -8.56 -5.83 4.93
N MET A 182 -8.99 -7.01 5.38
CA MET A 182 -10.15 -7.10 6.28
C MET A 182 -9.85 -6.39 7.60
N ARG A 183 -8.65 -6.61 8.13
CA ARG A 183 -8.17 -5.97 9.34
C ARG A 183 -8.25 -4.46 9.20
N VAL A 184 -7.70 -3.94 8.13
CA VAL A 184 -7.70 -2.49 7.91
C VAL A 184 -9.13 -1.96 7.75
N ALA A 185 -9.91 -2.60 6.91
CA ALA A 185 -11.29 -2.15 6.68
C ALA A 185 -12.11 -2.21 7.96
N HIS A 186 -11.89 -3.25 8.75
CA HIS A 186 -12.60 -3.40 10.02
C HIS A 186 -12.42 -2.17 10.91
N GLU A 187 -11.16 -1.77 11.09
CA GLU A 187 -10.86 -0.63 11.95
C GLU A 187 -11.35 0.70 11.37
N LEU A 188 -11.25 0.85 10.05
CA LEU A 188 -11.75 2.07 9.40
C LEU A 188 -13.25 2.21 9.64
N LEU A 189 -13.97 1.10 9.51
CA LEU A 189 -15.41 1.13 9.73
C LEU A 189 -15.76 1.40 11.20
N LEU A 190 -15.00 0.84 12.13
CA LEU A 190 -15.14 1.18 13.54
C LEU A 190 -14.93 2.69 13.76
N GLY A 191 -14.02 3.27 12.97
CA GLY A 191 -13.77 4.71 13.01
C GLY A 191 -14.99 5.52 12.60
N SER A 192 -15.76 5.02 11.63
CA SER A 192 -17.00 5.69 11.22
C SER A 192 -18.12 5.47 12.25
N THR A 193 -18.16 4.27 12.82
CA THR A 193 -19.07 4.01 13.93
C THR A 193 -18.82 5.05 15.05
N GLN A 194 -17.55 5.33 15.33
CA GLN A 194 -17.17 6.34 16.32
C GLN A 194 -17.78 7.71 16.01
N GLN A 195 -17.80 8.09 14.74
CA GLN A 195 -18.36 9.35 14.30
C GLN A 195 -19.87 9.24 14.08
N GLY A 196 -20.40 8.03 14.24
CA GLY A 196 -21.83 7.80 14.08
C GLY A 196 -22.37 7.89 12.65
N VAL A 197 -21.54 7.59 11.66
CA VAL A 197 -21.97 7.71 10.28
C VAL A 197 -21.89 6.36 9.56
N PRO A 198 -22.65 6.22 8.48
CA PRO A 198 -22.62 5.00 7.67
C PRO A 198 -21.25 4.79 7.04
N ALA A 199 -20.80 3.54 6.99
CA ALA A 199 -19.60 3.17 6.26
C ALA A 199 -19.80 1.82 5.58
N ARG A 200 -19.40 1.75 4.32
CA ARG A 200 -19.47 0.50 3.58
C ARG A 200 -18.14 0.38 2.84
N ALA A 201 -17.40 -0.71 3.10
CA ALA A 201 -16.07 -0.84 2.51
C ALA A 201 -16.09 -1.92 1.45
N LEU A 202 -15.59 -1.59 0.27
CA LEU A 202 -15.32 -2.60 -0.73
C LEU A 202 -13.87 -3.06 -0.58
N ILE A 203 -13.68 -4.36 -0.32
CA ILE A 203 -12.35 -4.92 -0.28
C ILE A 203 -12.14 -5.67 -1.58
N VAL A 204 -11.04 -5.39 -2.25
CA VAL A 204 -10.75 -6.06 -3.52
C VAL A 204 -9.31 -6.54 -3.60
N ALA A 205 -9.15 -7.84 -3.85
CA ALA A 205 -7.84 -8.45 -4.04
C ALA A 205 -7.74 -8.95 -5.48
N CYS A 206 -6.63 -8.63 -6.12
CA CYS A 206 -6.46 -8.98 -7.52
C CYS A 206 -5.05 -9.50 -7.75
N GLU A 207 -4.95 -10.76 -8.15
CA GLU A 207 -3.64 -11.37 -8.34
C GLU A 207 -3.52 -12.06 -9.70
N VAL A 208 -2.50 -11.68 -10.46
CA VAL A 208 -2.27 -12.35 -11.74
C VAL A 208 -0.84 -12.85 -11.81
N PRO A 209 -0.52 -13.84 -10.98
CA PRO A 209 0.86 -14.33 -10.94
C PRO A 209 1.36 -14.95 -12.23
N THR A 210 0.47 -15.49 -13.08
CA THR A 210 0.96 -16.16 -14.29
C THR A 210 1.58 -15.19 -15.28
N VAL A 211 1.36 -13.90 -15.07
CA VAL A 211 2.06 -12.88 -15.86
C VAL A 211 3.56 -13.08 -15.75
N PHE A 212 4.02 -13.53 -14.60
CA PHE A 212 5.46 -13.68 -14.35
C PHE A 212 6.00 -15.08 -14.59
N ALA A 213 5.15 -15.97 -15.11
CA ALA A 213 5.57 -17.37 -15.30
C ALA A 213 6.72 -17.53 -16.30
N ARG A 214 6.74 -16.73 -17.36
CA ARG A 214 7.83 -16.80 -18.33
C ARG A 214 9.17 -16.38 -17.72
N SER A 215 9.16 -15.29 -16.95
CA SER A 215 10.36 -14.85 -16.25
C SER A 215 10.83 -15.92 -15.26
N GLU A 216 9.91 -16.47 -14.48
CA GLU A 216 10.31 -17.48 -13.49
C GLU A 216 10.92 -18.71 -14.14
N LEU A 217 10.36 -19.16 -15.27
CA LEU A 217 10.90 -20.31 -15.99
C LEU A 217 12.32 -20.03 -16.44
N ASP A 218 12.54 -18.83 -16.96
CA ASP A 218 13.82 -18.48 -17.50
C ASP A 218 14.88 -18.42 -16.38
N ILE A 219 14.50 -17.86 -15.25
CA ILE A 219 15.39 -17.81 -14.09
C ILE A 219 15.71 -19.22 -13.58
N MET A 220 14.71 -20.09 -13.54
CA MET A 220 14.95 -21.44 -13.05
C MET A 220 15.90 -22.19 -13.97
N ASP A 221 15.77 -21.95 -15.28
CA ASP A 221 16.63 -22.58 -16.27
C ASP A 221 18.08 -22.12 -16.11
N LYS A 222 18.26 -20.81 -16.04
CA LYS A 222 19.60 -20.22 -15.90
C LYS A 222 20.34 -20.60 -14.61
N THR A 223 19.63 -20.61 -13.49
CA THR A 223 20.25 -20.86 -12.20
C THR A 223 20.18 -22.32 -11.77
N GLN A 224 19.28 -23.06 -12.41
CA GLN A 224 19.00 -24.43 -12.00
C GLN A 224 18.48 -24.51 -10.57
N ASP A 225 18.02 -23.39 -10.06
CA ASP A 225 17.32 -23.39 -8.77
C ASP A 225 15.85 -23.74 -8.98
N VAL A 226 15.43 -24.87 -8.44
CA VAL A 226 14.04 -25.29 -8.57
C VAL A 226 13.11 -24.29 -7.89
N ASN A 227 12.15 -23.76 -8.65
CA ASN A 227 11.21 -22.79 -8.10
C ASN A 227 9.79 -23.35 -8.05
N VAL A 228 9.35 -23.82 -6.88
CA VAL A 228 8.02 -24.41 -6.73
C VAL A 228 6.89 -23.40 -6.94
N ALA A 229 7.23 -22.11 -7.02
CA ALA A 229 6.21 -21.10 -7.31
C ALA A 229 5.55 -21.43 -8.64
N MET A 230 6.33 -21.99 -9.57
CA MET A 230 5.81 -22.41 -10.87
C MET A 230 4.63 -23.36 -10.73
N CYS A 231 4.59 -24.10 -9.61
CA CYS A 231 3.63 -25.20 -9.42
C CYS A 231 2.37 -24.82 -8.65
N LEU A 232 2.42 -23.72 -7.91
CA LEU A 232 1.40 -23.44 -6.89
C LEU A 232 0.37 -22.38 -7.27
N PHE A 233 0.82 -21.36 -8.00
CA PHE A 233 0.04 -20.13 -8.10
C PHE A 233 -0.86 -20.03 -9.32
N GLY A 234 -1.97 -19.30 -9.15
CA GLY A 234 -2.96 -19.13 -10.20
C GLY A 234 -3.59 -17.76 -10.12
N ASP A 235 -4.32 -17.36 -11.15
CA ASP A 235 -4.86 -16.00 -11.27
C ASP A 235 -6.30 -15.93 -10.80
N CYS A 236 -6.66 -14.83 -10.14
CA CYS A 236 -7.98 -14.71 -9.52
C CYS A 236 -8.20 -13.31 -8.96
N ALA A 237 -9.44 -12.86 -8.91
CA ALA A 237 -9.80 -11.65 -8.18
C ALA A 237 -10.97 -11.98 -7.27
N ALA A 238 -11.04 -11.31 -6.13
CA ALA A 238 -12.11 -11.57 -5.17
C ALA A 238 -12.42 -10.32 -4.40
N ALA A 239 -13.63 -10.24 -3.87
CA ALA A 239 -14.06 -9.01 -3.20
C ALA A 239 -15.01 -9.31 -2.06
N LEU A 240 -15.02 -8.39 -1.10
CA LEU A 240 -15.96 -8.41 0.01
C LEU A 240 -16.58 -7.03 0.12
N VAL A 241 -17.81 -6.97 0.60
CA VAL A 241 -18.36 -5.69 1.09
C VAL A 241 -18.56 -5.84 2.58
N LEU A 242 -18.11 -4.84 3.33
CA LEU A 242 -18.26 -4.80 4.77
C LEU A 242 -19.12 -3.60 5.12
N SER A 243 -19.88 -3.74 6.19
CA SER A 243 -20.74 -2.66 6.64
C SER A 243 -20.53 -2.41 8.12
N ASN A 244 -20.63 -1.15 8.56
CA ASN A 244 -20.60 -0.87 9.99
C ASN A 244 -22.00 -0.90 10.58
N GLY A 245 -22.98 -1.21 9.75
CA GLY A 245 -24.34 -1.42 10.23
C GLY A 245 -25.13 -0.15 10.50
N ILE A 246 -24.51 1.00 10.29
CA ILE A 246 -25.20 2.26 10.51
C ILE A 246 -25.91 2.71 9.23
N GLY A 247 -27.17 3.14 9.35
CA GLY A 247 -27.93 3.55 8.17
C GLY A 247 -28.31 2.41 7.24
N HIS A 248 -28.48 1.22 7.83
CA HIS A 248 -28.87 0.03 7.08
C HIS A 248 -30.09 0.27 6.20
N LYS A 249 -30.02 -0.11 4.93
CA LYS A 249 -31.16 0.02 4.04
C LYS A 249 -31.78 -1.33 3.73
N ALA A 250 -33.08 -1.33 3.46
CA ALA A 250 -33.85 -2.55 3.25
C ALA A 250 -33.25 -3.41 2.13
N SER A 251 -32.65 -2.76 1.15
CA SER A 251 -32.09 -3.44 -0.01
C SER A 251 -30.78 -4.18 0.32
N GLU A 252 -30.19 -3.90 1.48
CA GLU A 252 -28.89 -4.50 1.81
C GLU A 252 -29.01 -5.88 2.44
N GLN A 253 -28.16 -6.80 2.01
CA GLN A 253 -28.10 -8.12 2.64
C GLN A 253 -27.72 -8.01 4.11
N ARG A 254 -28.38 -8.81 4.95
CA ARG A 254 -28.05 -8.83 6.36
C ARG A 254 -26.66 -9.43 6.55
N PRO A 255 -26.07 -9.22 7.72
CA PRO A 255 -24.74 -9.74 8.03
C PRO A 255 -24.59 -11.23 7.80
N ILE A 256 -23.54 -11.60 7.08
CA ILE A 256 -23.16 -12.99 6.89
C ILE A 256 -22.31 -13.47 8.08
N TRP A 257 -21.22 -12.74 8.36
CA TRP A 257 -20.50 -12.87 9.64
C TRP A 257 -20.30 -11.48 10.21
N ASN A 258 -20.14 -11.41 11.52
CA ASN A 258 -19.59 -10.23 12.17
C ASN A 258 -18.11 -10.45 12.35
N ILE A 259 -17.34 -9.38 12.18
CA ILE A 259 -15.91 -9.44 12.44
C ILE A 259 -15.68 -8.93 13.86
N LEU A 260 -15.24 -9.84 14.71
CA LEU A 260 -15.04 -9.54 16.12
C LEU A 260 -13.67 -8.90 16.38
N ASN A 261 -12.62 -9.44 15.79
CA ASN A 261 -11.27 -8.96 16.08
C ASN A 261 -10.32 -9.49 15.01
N CYS A 262 -9.28 -8.70 14.72
CA CYS A 262 -8.20 -9.13 13.84
C CYS A 262 -6.91 -8.88 14.58
N GLU A 263 -5.96 -9.82 14.48
CA GLU A 263 -4.71 -9.73 15.22
C GLU A 263 -3.54 -10.31 14.43
N PRO A 264 -2.59 -9.45 14.04
CA PRO A 264 -1.39 -9.92 13.34
C PRO A 264 -0.30 -10.23 14.37
N THR A 265 0.53 -11.24 14.10
CA THR A 265 1.70 -11.50 14.90
C THR A 265 2.91 -11.64 13.98
N GLN A 266 3.93 -10.84 14.23
CA GLN A 266 5.18 -10.97 13.50
C GLN A 266 6.15 -11.79 14.37
N PHE A 267 6.69 -12.84 13.79
CA PHE A 267 7.56 -13.76 14.52
C PHE A 267 9.02 -13.43 14.22
N ASP A 268 9.90 -13.79 15.16
CA ASP A 268 11.32 -13.54 15.02
C ASP A 268 11.92 -14.32 13.86
N GLY A 269 12.97 -13.78 13.26
CA GLY A 269 13.60 -14.45 12.14
C GLY A 269 14.51 -13.52 11.37
N THR A 270 15.62 -14.06 10.88
CA THR A 270 16.62 -13.26 10.18
C THR A 270 16.06 -12.75 8.83
N GLU A 271 15.65 -13.68 7.99
CA GLU A 271 15.11 -13.36 6.68
C GLU A 271 13.68 -13.87 6.61
N ASP A 272 12.89 -13.32 5.70
CA ASP A 272 11.51 -13.79 5.53
C ASP A 272 11.49 -15.25 5.07
N ILE A 273 10.36 -15.92 5.27
CA ILE A 273 10.18 -17.29 4.78
C ILE A 273 9.73 -17.35 3.31
N ALA A 274 9.24 -16.22 2.79
CA ALA A 274 8.94 -16.07 1.38
C ALA A 274 9.34 -14.67 0.92
N HIS A 275 9.95 -14.58 -0.26
CA HIS A 275 10.26 -13.30 -0.86
C HIS A 275 9.61 -13.20 -2.25
N PHE A 276 9.25 -11.98 -2.64
CA PHE A 276 8.82 -11.73 -4.00
C PHE A 276 9.60 -10.49 -4.40
N ASN A 277 10.77 -10.72 -5.01
CA ASN A 277 11.79 -9.70 -5.21
C ASN A 277 11.78 -9.10 -6.60
N VAL A 278 11.79 -7.77 -6.64
CA VAL A 278 11.76 -7.03 -7.90
C VAL A 278 13.06 -7.25 -8.69
N HIS A 279 12.93 -7.39 -10.00
CA HIS A 279 14.07 -7.42 -10.90
C HIS A 279 13.62 -6.88 -12.26
N ASP A 280 14.51 -6.90 -13.25
CA ASP A 280 14.23 -6.21 -14.52
C ASP A 280 12.96 -6.69 -15.25
N LYS A 281 12.65 -7.99 -15.14
CA LYS A 281 11.49 -8.54 -15.85
C LYS A 281 10.33 -8.90 -14.92
N GLY A 282 10.23 -8.22 -13.78
CA GLY A 282 9.08 -8.40 -12.90
C GLY A 282 9.46 -8.71 -11.47
N TYR A 283 8.80 -9.72 -10.90
CA TYR A 283 9.11 -10.19 -9.56
C TYR A 283 9.50 -11.65 -9.63
N HIS A 284 10.41 -12.05 -8.74
CA HIS A 284 10.87 -13.43 -8.64
C HIS A 284 10.57 -13.95 -7.23
N ALA A 285 9.96 -15.12 -7.17
CA ALA A 285 9.52 -15.70 -5.91
C ALA A 285 10.61 -16.61 -5.35
N ILE A 286 10.84 -16.49 -4.04
CA ILE A 286 11.68 -17.43 -3.31
C ILE A 286 10.86 -18.02 -2.19
N ILE A 287 10.59 -19.32 -2.28
CA ILE A 287 9.70 -19.98 -1.34
C ILE A 287 10.53 -20.89 -0.46
N ASP A 288 10.59 -20.59 0.83
CA ASP A 288 11.48 -21.34 1.73
C ASP A 288 10.92 -22.72 2.05
N LYS A 289 11.80 -23.71 2.15
CA LYS A 289 11.40 -25.08 2.44
C LYS A 289 10.78 -25.23 3.83
N ARG A 290 11.12 -24.32 4.73
CA ARG A 290 10.74 -24.46 6.14
C ARG A 290 9.33 -23.97 6.46
N ILE A 291 8.61 -23.50 5.45
CA ILE A 291 7.30 -22.91 5.70
C ILE A 291 6.35 -23.84 6.46
N PRO A 292 6.20 -25.09 6.01
CA PRO A 292 5.29 -25.98 6.74
C PRO A 292 5.70 -26.19 8.21
N GLN A 293 6.98 -26.41 8.45
CA GLN A 293 7.51 -26.53 9.82
C GLN A 293 7.20 -25.29 10.67
N LEU A 294 7.44 -24.11 10.09
CA LEU A 294 7.19 -22.88 10.82
C LEU A 294 5.69 -22.71 11.07
N THR A 295 4.90 -23.19 10.12
CA THR A 295 3.45 -23.14 10.22
C THR A 295 2.97 -23.90 11.46
N GLY A 296 3.53 -25.09 11.69
CA GLY A 296 3.17 -25.87 12.85
C GLY A 296 3.52 -25.19 14.16
N LYS A 297 4.66 -24.51 14.19
CA LYS A 297 5.12 -23.80 15.39
C LYS A 297 4.32 -22.54 15.67
N CYS A 298 4.08 -21.75 14.62
CA CYS A 298 3.60 -20.39 14.81
C CYS A 298 2.08 -20.24 14.86
N VAL A 299 1.36 -21.02 14.04
CA VAL A 299 -0.11 -20.91 13.98
C VAL A 299 -0.81 -21.03 15.34
N PRO A 300 -0.42 -22.01 16.17
CA PRO A 300 -1.03 -22.08 17.51
C PRO A 300 -0.72 -20.84 18.37
N ALA A 301 0.50 -20.33 18.30
CA ALA A 301 0.85 -19.10 18.99
C ALA A 301 0.01 -17.94 18.45
N GLY A 302 -0.05 -17.84 17.13
CA GLY A 302 -0.86 -16.81 16.49
C GLY A 302 -2.31 -16.88 16.95
N PHE A 303 -2.83 -18.09 17.08
CA PHE A 303 -4.20 -18.29 17.49
C PHE A 303 -4.38 -17.83 18.93
N GLN A 304 -3.44 -18.22 19.79
CA GLN A 304 -3.49 -17.87 21.21
C GLN A 304 -3.49 -16.36 21.38
N SER A 305 -2.64 -15.68 20.62
CA SER A 305 -2.57 -14.22 20.69
C SER A 305 -3.89 -13.60 20.23
N LEU A 306 -4.49 -14.17 19.18
CA LEU A 306 -5.79 -13.66 18.72
C LEU A 306 -6.84 -13.72 19.84
N ILE A 307 -6.93 -14.87 20.51
CA ILE A 307 -7.96 -15.04 21.53
C ILE A 307 -7.66 -14.17 22.76
N SER A 308 -6.42 -14.18 23.21
CA SER A 308 -6.04 -13.36 24.37
C SER A 308 -6.26 -11.87 24.13
N SER A 309 -6.24 -11.43 22.86
CA SER A 309 -6.47 -10.02 22.52
C SER A 309 -7.94 -9.73 22.28
N THR A 310 -8.81 -10.73 22.47
CA THR A 310 -10.24 -10.56 22.24
C THR A 310 -10.97 -10.54 23.58
N PRO A 311 -11.26 -9.33 24.10
CA PRO A 311 -11.79 -9.19 25.46
C PRO A 311 -12.94 -10.15 25.79
N SER A 312 -13.88 -10.33 24.87
CA SER A 312 -15.06 -11.16 25.13
C SER A 312 -14.80 -12.67 25.11
N LEU A 313 -13.54 -13.08 24.91
CA LEU A 313 -13.21 -14.50 24.84
C LEU A 313 -11.97 -14.83 25.67
N ALA A 314 -11.20 -13.80 25.97
CA ALA A 314 -9.86 -13.97 26.56
C ALA A 314 -9.83 -14.72 27.89
N LEU A 315 -10.95 -14.74 28.59
CA LEU A 315 -10.98 -15.25 29.96
C LEU A 315 -11.28 -16.75 30.06
N GLU A 316 -12.25 -17.21 29.28
CA GLU A 316 -12.67 -18.62 29.33
C GLU A 316 -11.69 -19.55 28.61
N GLU A 317 -11.22 -20.57 29.33
CA GLU A 317 -10.16 -21.45 28.83
C GLU A 317 -10.58 -22.29 27.61
N LYS A 318 -11.88 -22.51 27.46
CA LYS A 318 -12.39 -23.31 26.35
C LYS A 318 -12.16 -22.59 25.01
N ASN A 319 -12.17 -21.26 25.07
CA ASN A 319 -11.96 -20.43 23.88
C ASN A 319 -10.56 -20.58 23.32
N TYR A 320 -9.68 -21.24 24.06
CA TYR A 320 -8.33 -21.46 23.60
C TYR A 320 -8.17 -22.82 22.95
N VAL A 321 -9.30 -23.52 22.75
CA VAL A 321 -9.27 -24.81 22.05
C VAL A 321 -9.66 -24.64 20.58
N PRO A 322 -8.71 -24.92 19.67
CA PRO A 322 -8.93 -24.65 18.25
C PRO A 322 -10.16 -25.34 17.70
N SER A 323 -10.40 -26.59 18.13
CA SER A 323 -11.52 -27.36 17.61
C SER A 323 -12.89 -26.79 17.99
N ASN A 324 -12.92 -25.84 18.93
CA ASN A 324 -14.17 -25.17 19.25
C ASN A 324 -14.53 -24.09 18.22
N TYR A 325 -13.66 -23.90 17.21
CA TYR A 325 -13.91 -22.92 16.16
C TYR A 325 -13.95 -23.57 14.80
N GLY A 326 -14.67 -22.95 13.87
CA GLY A 326 -14.48 -23.23 12.46
C GLY A 326 -13.17 -22.58 12.04
N TRP A 327 -12.58 -23.06 10.95
CA TRP A 327 -11.27 -22.59 10.52
C TRP A 327 -11.22 -22.36 9.01
N ALA A 328 -10.57 -21.28 8.61
CA ALA A 328 -10.21 -21.08 7.21
C ALA A 328 -8.73 -20.68 7.19
N VAL A 329 -7.91 -21.42 6.46
CA VAL A 329 -6.47 -21.18 6.47
C VAL A 329 -5.96 -21.05 5.04
N HIS A 330 -5.18 -20.00 4.78
CA HIS A 330 -4.64 -19.79 3.46
C HIS A 330 -3.72 -20.94 3.10
N PRO A 331 -4.03 -21.66 2.01
CA PRO A 331 -3.26 -22.86 1.63
C PRO A 331 -2.05 -22.49 0.79
N GLY A 332 -0.97 -22.07 1.45
CA GLY A 332 0.22 -21.63 0.74
C GLY A 332 0.69 -22.80 -0.08
N GLY A 333 0.58 -23.98 0.50
CA GLY A 333 0.77 -25.22 -0.21
C GLY A 333 0.06 -26.35 0.53
N TYR A 334 -0.04 -27.51 -0.09
CA TYR A 334 -0.69 -28.63 0.56
C TYR A 334 -0.09 -28.90 1.95
N ALA A 335 1.24 -28.92 2.02
CA ALA A 335 1.92 -29.21 3.28
C ALA A 335 1.65 -28.12 4.34
N VAL A 336 1.38 -26.90 3.90
CA VAL A 336 1.00 -25.85 4.84
C VAL A 336 -0.31 -26.17 5.55
N LEU A 337 -1.34 -26.54 4.79
CA LEU A 337 -2.61 -26.98 5.37
C LEU A 337 -2.43 -28.14 6.35
N VAL A 338 -1.67 -29.15 5.92
CA VAL A 338 -1.41 -30.31 6.77
C VAL A 338 -0.74 -29.87 8.08
N ALA A 339 0.26 -29.00 7.99
CA ALA A 339 0.97 -28.54 9.19
C ALA A 339 0.05 -27.84 10.19
N ALA A 340 -0.83 -26.97 9.69
CA ALA A 340 -1.75 -26.24 10.55
C ALA A 340 -2.79 -27.16 11.16
N GLN A 341 -3.31 -28.06 10.32
CA GLN A 341 -4.27 -29.06 10.73
C GLN A 341 -3.76 -29.87 11.93
N ASP A 342 -2.56 -30.41 11.82
CA ASP A 342 -2.01 -31.24 12.90
C ASP A 342 -1.72 -30.41 14.16
N ALA A 343 -1.12 -29.24 13.99
CA ALA A 343 -0.68 -28.44 15.13
C ALA A 343 -1.87 -27.87 15.90
N LEU A 344 -2.99 -27.70 15.21
CA LEU A 344 -4.19 -27.17 15.84
C LEU A 344 -5.10 -28.28 16.37
N GLY A 345 -4.73 -29.53 16.11
CA GLY A 345 -5.57 -30.66 16.50
C GLY A 345 -6.86 -30.79 15.71
N LEU A 346 -6.86 -30.27 14.48
CA LEU A 346 -8.05 -30.33 13.64
C LEU A 346 -8.03 -31.56 12.74
N THR A 347 -9.14 -31.76 12.03
CA THR A 347 -9.22 -32.80 11.02
C THR A 347 -9.17 -32.15 9.65
N ALA A 348 -8.94 -32.94 8.62
CA ALA A 348 -9.00 -32.42 7.26
C ALA A 348 -10.41 -31.96 6.90
N ASP A 349 -11.41 -32.61 7.48
CA ASP A 349 -12.79 -32.20 7.26
C ASP A 349 -13.07 -30.81 7.85
N ASP A 350 -12.45 -30.49 8.98
CA ASP A 350 -12.53 -29.15 9.55
C ASP A 350 -12.07 -28.10 8.52
N LEU A 351 -11.01 -28.42 7.79
CA LEU A 351 -10.45 -27.53 6.77
C LEU A 351 -10.92 -27.84 5.35
N ARG A 352 -12.06 -28.50 5.22
CA ARG A 352 -12.57 -28.90 3.91
C ARG A 352 -12.60 -27.77 2.87
N ALA A 353 -13.20 -26.64 3.24
CA ALA A 353 -13.30 -25.51 2.31
C ALA A 353 -11.92 -24.98 1.91
N SER A 354 -10.95 -25.09 2.82
CA SER A 354 -9.58 -24.65 2.54
C SER A 354 -8.88 -25.58 1.57
N TYR A 355 -9.00 -26.88 1.80
CA TYR A 355 -8.49 -27.86 0.85
C TYR A 355 -9.18 -27.70 -0.53
N ASP A 356 -10.49 -27.49 -0.51
CA ASP A 356 -11.24 -27.38 -1.77
C ASP A 356 -10.78 -26.18 -2.61
N ALA A 357 -10.56 -25.05 -1.96
CA ALA A 357 -10.11 -23.86 -2.68
C ALA A 357 -8.75 -24.14 -3.31
N TYR A 358 -7.89 -24.77 -2.53
CA TYR A 358 -6.55 -25.08 -3.00
C TYR A 358 -6.61 -26.08 -4.16
N ARG A 359 -7.45 -27.11 -4.00
CA ARG A 359 -7.58 -28.15 -5.02
C ARG A 359 -8.12 -27.59 -6.33
N ASP A 360 -9.10 -26.70 -6.22
CA ASP A 360 -9.70 -26.11 -7.40
C ASP A 360 -9.44 -24.61 -7.42
N GLY A 361 -8.30 -24.22 -7.96
CA GLY A 361 -7.92 -22.81 -8.02
C GLY A 361 -6.48 -22.58 -7.64
N GLY A 362 -5.96 -23.46 -6.81
CA GLY A 362 -4.59 -23.37 -6.33
C GLY A 362 -4.37 -22.22 -5.36
N ASN A 363 -3.11 -21.82 -5.22
CA ASN A 363 -2.76 -20.69 -4.39
C ASN A 363 -2.98 -19.41 -5.19
N THR A 364 -4.02 -18.66 -4.86
CA THR A 364 -4.31 -17.43 -5.58
C THR A 364 -3.95 -16.22 -4.69
N ILE A 365 -2.94 -16.42 -3.83
CA ILE A 365 -2.36 -15.34 -3.01
C ILE A 365 -3.39 -14.66 -2.10
N SER A 366 -3.47 -13.34 -2.15
CA SER A 366 -4.35 -12.59 -1.26
C SER A 366 -5.84 -12.92 -1.47
N THR A 367 -6.21 -13.43 -2.64
CA THR A 367 -7.61 -13.73 -2.91
C THR A 367 -8.09 -15.03 -2.26
N THR A 368 -7.17 -15.88 -1.82
CA THR A 368 -7.55 -17.24 -1.45
C THR A 368 -8.50 -17.30 -0.25
N ILE A 369 -8.21 -16.52 0.78
CA ILE A 369 -9.06 -16.52 1.96
C ILE A 369 -10.50 -16.13 1.61
N ILE A 370 -10.65 -15.22 0.65
CA ILE A 370 -11.99 -14.81 0.23
C ILE A 370 -12.71 -15.94 -0.50
N ARG A 371 -12.01 -16.64 -1.39
CA ARG A 371 -12.59 -17.82 -2.03
C ARG A 371 -13.06 -18.85 -1.00
N ILE A 372 -12.31 -18.98 0.11
CA ILE A 372 -12.71 -19.90 1.18
C ILE A 372 -13.96 -19.41 1.92
N LEU A 373 -14.02 -18.12 2.25
CA LEU A 373 -15.22 -17.55 2.86
C LEU A 373 -16.43 -17.78 1.95
N GLU A 374 -16.22 -17.62 0.66
CA GLU A 374 -17.30 -17.84 -0.30
C GLU A 374 -17.83 -19.27 -0.24
N LYS A 375 -16.92 -20.24 -0.27
CA LYS A 375 -17.29 -21.64 -0.15
C LYS A 375 -18.06 -21.91 1.14
N LEU A 376 -17.53 -21.39 2.24
CA LEU A 376 -18.19 -21.54 3.53
C LEU A 376 -19.60 -20.94 3.52
N ARG A 377 -19.73 -19.72 2.99
CA ARG A 377 -21.04 -19.10 2.83
C ARG A 377 -21.96 -19.99 2.01
N ASP A 378 -21.47 -20.51 0.89
CA ASP A 378 -22.29 -21.30 -0.03
C ASP A 378 -22.76 -22.61 0.60
N GLU A 379 -21.88 -23.24 1.37
CA GLU A 379 -22.24 -24.48 2.03
C GLU A 379 -23.35 -24.23 3.05
N HIS A 380 -23.29 -23.08 3.70
CA HIS A 380 -24.27 -22.74 4.72
C HIS A 380 -25.65 -22.54 4.11
N LYS A 381 -25.69 -21.93 2.94
CA LYS A 381 -26.95 -21.61 2.29
C LYS A 381 -27.68 -22.86 1.78
N GLN A 386 -22.37 -25.35 10.60
CA GLN A 386 -21.04 -24.85 10.92
C GLN A 386 -21.03 -24.26 12.32
N LYS A 387 -19.85 -24.06 12.89
CA LYS A 387 -19.73 -23.55 14.25
C LYS A 387 -20.03 -22.05 14.33
N ASP A 388 -20.22 -21.55 15.55
CA ASP A 388 -20.64 -20.18 15.77
C ASP A 388 -19.53 -19.17 15.53
N LYS A 389 -18.29 -19.60 15.74
CA LYS A 389 -17.15 -18.75 15.56
C LYS A 389 -16.25 -19.35 14.49
N LEU A 390 -15.53 -18.49 13.78
CA LEU A 390 -14.69 -18.88 12.66
C LEU A 390 -13.37 -18.10 12.70
N VAL A 391 -12.25 -18.82 12.67
CA VAL A 391 -10.95 -18.17 12.68
C VAL A 391 -10.35 -18.19 11.27
N LEU A 392 -9.87 -17.04 10.80
CA LEU A 392 -9.10 -16.97 9.56
C LEU A 392 -7.63 -16.84 9.90
N ALA A 393 -6.76 -17.51 9.15
CA ALA A 393 -5.32 -17.34 9.35
C ALA A 393 -4.60 -17.41 8.01
N ALA A 394 -3.56 -16.58 7.86
CA ALA A 394 -2.76 -16.63 6.65
C ALA A 394 -1.38 -16.05 6.88
N TRP A 395 -0.36 -16.67 6.27
CA TRP A 395 0.96 -16.08 6.29
C TRP A 395 1.04 -14.88 5.36
N GLY A 396 1.65 -13.80 5.86
CA GLY A 396 1.97 -12.60 5.08
C GLY A 396 3.47 -12.36 5.20
N HIS A 397 4.03 -11.50 4.34
CA HIS A 397 5.49 -11.30 4.36
C HIS A 397 5.95 -10.68 5.67
N GLY A 398 7.26 -10.74 5.93
CA GLY A 398 7.81 -10.27 7.19
C GLY A 398 7.54 -11.29 8.28
N ILE A 399 7.50 -12.57 7.90
CA ILE A 399 7.16 -13.66 8.81
C ILE A 399 5.99 -13.29 9.71
N THR A 400 4.92 -12.77 9.11
CA THR A 400 3.80 -12.26 9.90
C THR A 400 2.53 -13.07 9.64
N LEU A 401 1.89 -13.53 10.71
CA LEU A 401 0.64 -14.24 10.57
C LEU A 401 -0.50 -13.28 10.79
N GLU A 402 -1.35 -13.11 9.78
CA GLU A 402 -2.56 -12.33 9.93
C GLU A 402 -3.66 -13.27 10.40
N THR A 403 -4.46 -12.85 11.38
CA THR A 403 -5.60 -13.65 11.79
C THR A 403 -6.81 -12.79 12.03
N ALA A 404 -7.98 -13.42 11.98
CA ALA A 404 -9.23 -12.75 12.30
C ALA A 404 -10.20 -13.75 12.94
N ILE A 405 -11.06 -13.25 13.83
CA ILE A 405 -12.16 -14.07 14.36
C ILE A 405 -13.50 -13.50 13.91
N LEU A 406 -14.29 -14.35 13.25
CA LEU A 406 -15.61 -13.96 12.77
C LEU A 406 -16.67 -14.73 13.55
N THR A 407 -17.86 -14.15 13.71
CA THR A 407 -18.94 -14.81 14.46
C THR A 407 -20.24 -14.86 13.66
N ARG A 408 -21.04 -15.89 13.88
CA ARG A 408 -22.36 -15.96 13.27
C ARG A 408 -23.27 -14.92 13.92
N PRO A 409 -24.07 -14.23 13.11
CA PRO A 409 -25.02 -13.28 13.71
C PRO A 409 -26.18 -14.00 14.40
N GLN B 33 -13.67 13.78 22.29
CA GLN B 33 -12.28 13.36 22.15
C GLN B 33 -11.79 13.70 20.75
N SER B 34 -10.50 13.51 20.50
CA SER B 34 -9.97 13.75 19.17
C SER B 34 -8.63 13.07 18.92
N VAL B 35 -8.30 12.91 17.64
CA VAL B 35 -7.00 12.37 17.25
C VAL B 35 -6.03 13.53 17.09
N SER B 36 -4.83 13.36 17.64
CA SER B 36 -3.87 14.46 17.60
C SER B 36 -2.53 14.02 17.03
N ILE B 37 -1.80 14.99 16.49
CA ILE B 37 -0.42 14.78 16.13
C ILE B 37 0.40 15.14 17.36
N VAL B 38 1.26 14.22 17.81
CA VAL B 38 2.02 14.41 19.05
C VAL B 38 3.53 14.28 18.87
N GLY B 39 3.95 13.98 17.66
CA GLY B 39 5.37 13.92 17.33
C GLY B 39 5.59 14.19 15.85
N ILE B 40 6.70 14.86 15.52
CA ILE B 40 6.99 15.23 14.15
C ILE B 40 8.50 15.22 13.96
N ALA B 41 8.98 14.67 12.85
CA ALA B 41 10.39 14.75 12.54
C ALA B 41 10.62 14.46 11.07
N SER B 42 11.69 15.00 10.52
CA SER B 42 12.01 14.72 9.12
C SER B 42 13.52 14.69 8.97
N ARG B 43 13.98 14.01 7.93
CA ARG B 43 15.41 13.92 7.70
C ARG B 43 15.67 13.85 6.21
N CYS B 44 16.13 14.96 5.64
CA CYS B 44 16.51 14.96 4.24
C CYS B 44 17.80 14.16 4.13
N ALA B 45 18.13 13.67 2.95
CA ALA B 45 19.41 13.02 2.73
C ALA B 45 20.53 14.06 2.92
N PRO B 46 21.79 13.61 3.10
CA PRO B 46 22.84 14.55 3.49
C PRO B 46 23.59 15.24 2.35
N HIS B 47 23.52 14.73 1.13
CA HIS B 47 24.38 15.26 0.06
C HIS B 47 23.67 16.19 -0.92
N LYS B 48 24.21 17.39 -1.08
CA LYS B 48 23.58 18.35 -1.98
C LYS B 48 23.56 17.88 -3.43
N LEU B 49 22.43 18.07 -4.09
CA LEU B 49 22.36 17.86 -5.51
C LEU B 49 21.95 19.18 -6.14
N GLY B 50 22.87 20.13 -6.15
CA GLY B 50 22.60 21.44 -6.72
C GLY B 50 22.73 21.40 -8.23
N ALA B 51 22.41 22.51 -8.89
CA ALA B 51 22.43 22.58 -10.35
C ALA B 51 23.79 22.21 -10.95
N ASP B 52 24.87 22.70 -10.35
CA ASP B 52 26.23 22.32 -10.77
C ASP B 52 26.44 20.81 -10.69
N GLU B 53 26.02 20.20 -9.58
CA GLU B 53 26.16 18.76 -9.41
C GLU B 53 25.42 17.97 -10.48
N LEU B 54 24.18 18.36 -10.75
CA LEU B 54 23.39 17.65 -11.76
C LEU B 54 24.00 17.80 -13.14
N GLU B 55 24.46 19.01 -13.46
CA GLU B 55 25.12 19.22 -14.73
C GLU B 55 26.37 18.35 -14.89
N ALA B 56 27.18 18.27 -13.84
CA ALA B 56 28.38 17.44 -13.87
C ALA B 56 28.01 15.95 -14.08
N ILE B 57 26.93 15.51 -13.45
CA ILE B 57 26.48 14.12 -13.62
C ILE B 57 26.01 13.86 -15.05
N ALA B 58 25.20 14.79 -15.57
CA ALA B 58 24.65 14.66 -16.90
C ALA B 58 25.72 14.64 -17.99
N ARG B 59 26.62 15.63 -17.96
CA ARG B 59 27.64 15.77 -18.99
C ARG B 59 28.74 14.73 -18.86
N ARG B 60 28.81 14.07 -17.72
CA ARG B 60 29.74 12.96 -17.53
C ARG B 60 29.38 11.80 -18.44
N HIS B 61 28.09 11.59 -18.64
CA HIS B 61 27.64 10.38 -19.30
C HIS B 61 26.98 10.61 -20.65
N TYR B 62 26.61 11.85 -20.95
CA TYR B 62 25.92 12.15 -22.20
C TYR B 62 26.48 13.36 -22.93
N SER B 63 26.53 13.24 -24.25
CA SER B 63 26.87 14.34 -25.14
C SER B 63 25.74 15.34 -25.18
N SER B 64 26.07 16.58 -25.51
CA SER B 64 25.05 17.60 -25.63
C SER B 64 23.98 17.18 -26.63
N THR B 65 22.73 17.24 -26.21
CA THR B 65 21.59 17.08 -27.10
C THR B 65 20.62 18.16 -26.70
N PRO B 66 19.69 18.53 -27.59
CA PRO B 66 18.74 19.58 -27.23
C PRO B 66 17.92 19.27 -25.97
N SER B 67 17.54 18.02 -25.75
CA SER B 67 16.78 17.71 -24.53
C SER B 67 17.66 17.87 -23.27
N LEU B 68 18.91 17.46 -23.36
CA LEU B 68 19.84 17.66 -22.25
C LEU B 68 20.00 19.14 -21.94
N GLU B 69 20.20 19.97 -22.96
CA GLU B 69 20.36 21.39 -22.72
C GLU B 69 19.08 22.06 -22.18
N LYS B 70 17.91 21.69 -22.70
CA LYS B 70 16.65 22.24 -22.16
C LYS B 70 16.45 21.85 -20.68
N MET B 71 16.69 20.58 -20.36
CA MET B 71 16.57 20.11 -18.98
C MET B 71 17.47 20.90 -18.02
N LEU B 72 18.74 21.03 -18.39
CA LEU B 72 19.68 21.81 -17.58
C LEU B 72 19.28 23.26 -17.45
N GLU B 73 18.78 23.85 -18.53
CA GLU B 73 18.30 25.23 -18.50
C GLU B 73 17.11 25.38 -17.55
N ILE B 74 16.17 24.45 -17.63
CA ILE B 74 15.02 24.45 -16.74
C ILE B 74 15.47 24.19 -15.30
N ASN B 75 16.42 23.29 -15.13
CA ASN B 75 16.94 22.99 -13.79
C ASN B 75 17.35 24.23 -13.01
N ARG B 76 17.91 25.23 -13.69
CA ARG B 76 18.38 26.43 -13.01
C ARG B 76 17.27 27.44 -12.73
N LYS B 77 16.05 27.13 -13.14
CA LYS B 77 14.94 28.05 -12.96
C LYS B 77 13.84 27.52 -12.05
N THR B 78 14.11 26.40 -11.39
CA THR B 78 13.11 25.76 -10.52
C THR B 78 12.88 26.56 -9.25
N ARG B 79 13.84 27.40 -8.91
CA ARG B 79 13.77 28.19 -7.68
C ARG B 79 13.91 27.29 -6.44
N ILE B 80 14.46 26.10 -6.67
CA ILE B 80 14.91 25.24 -5.58
C ILE B 80 16.36 25.60 -5.31
N ASP B 81 16.66 26.06 -4.09
CA ASP B 81 18.03 26.43 -3.71
C ASP B 81 18.84 25.22 -3.30
N HIS B 82 18.18 24.24 -2.67
CA HIS B 82 18.85 23.00 -2.29
C HIS B 82 17.91 21.82 -2.42
N ARG B 83 18.40 20.75 -3.02
CA ARG B 83 17.81 19.43 -2.79
C ARG B 83 18.91 18.41 -2.55
N TYR B 84 18.53 17.25 -2.01
CA TYR B 84 19.51 16.31 -1.49
C TYR B 84 19.35 14.89 -2.02
N SER B 85 20.46 14.16 -2.05
CA SER B 85 20.52 12.78 -2.48
C SER B 85 21.26 11.99 -1.41
N VAL B 86 20.97 10.69 -1.34
CA VAL B 86 21.68 9.78 -0.46
C VAL B 86 23.06 9.45 -1.05
N PHE B 87 23.27 9.85 -2.31
CA PHE B 87 24.51 9.54 -3.01
C PHE B 87 25.41 10.77 -3.09
N SER B 88 26.56 10.70 -2.43
CA SER B 88 27.54 11.78 -2.48
C SER B 88 28.08 11.93 -3.89
N SER B 89 28.75 13.05 -4.15
CA SER B 89 29.23 13.37 -5.49
C SER B 89 30.19 12.32 -6.02
N ASP B 90 30.91 11.67 -5.10
CA ASP B 90 31.90 10.66 -5.48
C ASP B 90 31.36 9.23 -5.48
N HIS B 91 30.08 9.08 -5.15
CA HIS B 91 29.47 7.76 -5.09
C HIS B 91 29.49 7.08 -6.47
N GLU B 92 29.66 5.76 -6.49
CA GLU B 92 29.69 5.05 -7.77
C GLU B 92 28.38 5.18 -8.58
N HIS B 93 27.27 5.42 -7.90
CA HIS B 93 25.97 5.65 -8.55
C HIS B 93 26.08 6.72 -9.66
N TRP B 94 26.89 7.75 -9.41
CA TRP B 94 27.00 8.85 -10.35
C TRP B 94 28.12 8.63 -11.37
N HIS B 95 28.91 7.58 -11.19
CA HIS B 95 30.10 7.38 -12.03
C HIS B 95 30.08 6.10 -12.88
N ARG B 96 29.35 5.09 -12.41
CA ARG B 96 29.25 3.82 -13.11
C ARG B 96 28.82 4.04 -14.56
N PRO B 97 29.31 3.20 -15.47
CA PRO B 97 28.96 3.36 -16.89
C PRO B 97 27.60 2.76 -17.23
N THR B 98 27.10 1.85 -16.40
CA THR B 98 25.84 1.17 -16.64
C THR B 98 24.70 1.76 -15.81
N ILE B 99 23.48 1.58 -16.31
CA ILE B 99 22.29 1.97 -15.56
C ILE B 99 22.01 0.90 -14.53
N PRO B 100 21.76 1.32 -13.28
CA PRO B 100 21.43 0.36 -12.22
C PRO B 100 20.24 -0.53 -12.60
N SER B 101 20.36 -1.83 -12.37
CA SER B 101 19.23 -2.74 -12.58
C SER B 101 18.15 -2.42 -11.57
N PHE B 102 16.97 -3.00 -11.76
CA PHE B 102 15.87 -2.77 -10.82
C PHE B 102 16.25 -3.39 -9.48
N SER B 103 16.87 -4.55 -9.52
CA SER B 103 17.33 -5.20 -8.30
C SER B 103 18.33 -4.34 -7.54
N GLU B 104 19.24 -3.71 -8.28
CA GLU B 104 20.15 -2.76 -7.65
C GLU B 104 19.41 -1.58 -7.05
N CYS B 105 18.41 -1.06 -7.76
CA CYS B 105 17.60 0.05 -7.25
C CYS B 105 16.91 -0.32 -5.95
N ASP B 106 16.48 -1.58 -5.84
CA ASP B 106 15.91 -2.10 -4.61
C ASP B 106 16.92 -2.13 -3.47
N SER B 107 18.09 -2.71 -3.75
CA SER B 107 19.14 -2.81 -2.74
C SER B 107 19.58 -1.43 -2.26
N LEU B 108 19.62 -0.47 -3.19
CA LEU B 108 20.01 0.90 -2.85
C LEU B 108 19.00 1.55 -1.90
N PHE B 109 17.72 1.34 -2.15
CA PHE B 109 16.67 1.83 -1.25
C PHE B 109 16.80 1.19 0.12
N LYS B 110 17.11 -0.11 0.14
CA LYS B 110 17.29 -0.80 1.41
C LYS B 110 18.51 -0.28 2.13
N GLU B 111 19.59 -0.05 1.38
CA GLU B 111 20.84 0.38 2.00
C GLU B 111 20.79 1.82 2.52
N TYR B 112 20.13 2.70 1.77
CA TYR B 112 20.17 4.13 2.09
C TYR B 112 18.83 4.68 2.57
N GLY B 113 17.75 4.20 1.97
CA GLY B 113 16.44 4.71 2.32
C GLY B 113 15.95 4.27 3.69
N ILE B 114 16.09 2.99 3.98
CA ILE B 114 15.55 2.48 5.23
C ILE B 114 16.20 3.09 6.48
N PRO B 115 17.53 3.25 6.47
CA PRO B 115 18.17 3.91 7.61
C PRO B 115 17.69 5.35 7.77
N LEU B 116 17.40 6.00 6.65
CA LEU B 116 16.90 7.36 6.68
C LEU B 116 15.50 7.36 7.33
N ALA B 117 14.68 6.39 6.94
CA ALA B 117 13.37 6.18 7.55
C ALA B 117 13.45 5.81 9.03
N SER B 118 14.41 4.96 9.41
CA SER B 118 14.57 4.58 10.81
C SER B 118 14.96 5.78 11.68
N ALA B 119 15.87 6.59 11.17
CA ALA B 119 16.29 7.84 11.85
C ALA B 119 15.11 8.80 12.04
N ALA B 120 14.37 9.06 10.95
CA ALA B 120 13.23 9.98 11.04
C ALA B 120 12.18 9.45 12.00
N SER B 121 11.92 8.14 11.93
CA SER B 121 10.96 7.50 12.82
C SER B 121 11.40 7.59 14.27
N ALA B 122 12.66 7.25 14.53
CA ALA B 122 13.22 7.34 15.88
C ALA B 122 13.10 8.78 16.42
N ARG B 123 13.40 9.77 15.58
CA ARG B 123 13.34 11.17 16.01
C ARG B 123 11.90 11.62 16.31
N ALA B 124 10.93 11.16 15.52
CA ALA B 124 9.53 11.48 15.77
C ALA B 124 9.05 10.83 17.08
N ILE B 125 9.47 9.58 17.30
CA ILE B 125 9.14 8.91 18.55
C ILE B 125 9.77 9.66 19.72
N GLN B 126 10.99 10.14 19.51
CA GLN B 126 11.64 10.93 20.54
C GLN B 126 10.86 12.23 20.82
N ASP B 127 10.38 12.89 19.77
CA ASP B 127 9.60 14.11 19.89
C ASP B 127 8.30 13.82 20.67
N TRP B 128 7.71 12.67 20.38
CA TRP B 128 6.49 12.24 21.06
C TRP B 128 6.78 12.00 22.53
N GLY B 129 7.86 11.29 22.81
CA GLY B 129 8.27 11.04 24.18
C GLY B 129 7.81 9.72 24.75
N GLY B 130 6.94 9.01 24.03
CA GLY B 130 6.45 7.72 24.49
C GLY B 130 7.42 6.59 24.19
N VAL B 131 7.00 5.37 24.44
CA VAL B 131 7.87 4.22 24.25
C VAL B 131 7.45 3.43 23.01
N PRO B 132 8.43 3.02 22.21
CA PRO B 132 8.28 2.27 20.96
C PRO B 132 7.28 1.11 21.05
N ASP B 133 7.36 0.27 22.09
CA ASP B 133 6.44 -0.87 22.14
C ASP B 133 5.01 -0.50 22.53
N GLU B 134 4.75 0.79 22.68
CA GLU B 134 3.39 1.27 22.88
C GLU B 134 2.77 1.84 21.61
N ILE B 135 3.51 1.76 20.51
CA ILE B 135 2.96 2.11 19.21
C ILE B 135 2.03 0.97 18.79
N THR B 136 0.79 1.28 18.45
CA THR B 136 -0.19 0.23 18.08
C THR B 136 -0.31 0.05 16.57
N HIS B 137 -0.02 1.10 15.81
CA HIS B 137 -0.23 1.06 14.36
C HIS B 137 0.99 1.64 13.67
N LEU B 138 1.34 1.06 12.55
CA LEU B 138 2.37 1.60 11.68
C LEU B 138 1.75 1.84 10.31
N VAL B 139 1.75 3.10 9.84
CA VAL B 139 1.30 3.40 8.48
C VAL B 139 2.45 3.96 7.67
N ALA B 140 2.93 3.17 6.72
CA ALA B 140 4.11 3.50 5.93
C ALA B 140 3.74 3.82 4.48
N VAL B 141 4.55 4.65 3.83
CA VAL B 141 4.29 4.97 2.44
C VAL B 141 5.58 5.30 1.68
N THR B 142 5.67 4.81 0.45
CA THR B 142 6.73 5.19 -0.48
C THR B 142 6.22 4.94 -1.90
N CYS B 143 6.81 5.63 -2.88
CA CYS B 143 6.55 5.28 -4.27
C CYS B 143 7.87 5.01 -5.00
N THR B 144 8.95 4.86 -4.23
CA THR B 144 10.28 4.67 -4.81
C THR B 144 10.90 3.31 -4.46
N ASN B 145 10.04 2.36 -4.11
CA ASN B 145 10.45 1.01 -3.78
C ASN B 145 9.23 0.10 -3.85
N THR B 146 9.45 -1.12 -4.33
CA THR B 146 8.45 -2.19 -4.23
C THR B 146 9.18 -3.43 -3.79
N ALA B 147 8.70 -4.06 -2.72
CA ALA B 147 9.39 -5.20 -2.11
C ALA B 147 8.42 -6.02 -1.29
N HIS B 148 8.73 -7.31 -1.16
CA HIS B 148 7.96 -8.23 -0.32
C HIS B 148 8.95 -9.08 0.44
N PRO B 149 9.09 -8.83 1.75
CA PRO B 149 8.34 -7.85 2.54
C PRO B 149 8.70 -6.38 2.22
N GLY B 150 7.78 -5.47 2.48
CA GLY B 150 8.00 -4.05 2.33
C GLY B 150 8.85 -3.44 3.43
N PHE B 151 9.24 -2.19 3.24
CA PHE B 151 10.19 -1.58 4.18
C PHE B 151 9.58 -1.39 5.58
N ASP B 152 8.25 -1.40 5.66
CA ASP B 152 7.56 -1.32 6.95
C ASP B 152 7.94 -2.47 7.89
N SER B 153 8.10 -3.65 7.32
CA SER B 153 8.48 -4.82 8.12
C SER B 153 9.87 -4.63 8.71
N VAL B 154 10.81 -4.19 7.90
CA VAL B 154 12.19 -3.92 8.36
C VAL B 154 12.20 -2.90 9.47
N LEU B 155 11.35 -1.90 9.32
CA LEU B 155 11.27 -0.80 10.27
C LEU B 155 10.79 -1.28 11.65
N CYS B 156 9.82 -2.20 11.65
CA CYS B 156 9.30 -2.78 12.89
C CYS B 156 10.43 -3.40 13.70
N ARG B 157 11.31 -4.12 13.01
CA ARG B 157 12.42 -4.77 13.67
C ARG B 157 13.46 -3.76 14.15
N LYS B 158 13.81 -2.80 13.29
CA LYS B 158 14.83 -1.81 13.65
C LYS B 158 14.40 -0.92 14.82
N LEU B 159 13.13 -0.56 14.87
CA LEU B 159 12.60 0.31 15.92
C LEU B 159 12.18 -0.45 17.18
N GLY B 160 12.17 -1.78 17.11
CA GLY B 160 11.74 -2.59 18.23
C GLY B 160 10.26 -2.46 18.54
N LEU B 161 9.44 -2.31 17.50
CA LEU B 161 8.00 -2.27 17.69
C LEU B 161 7.53 -3.65 18.17
N LYS B 162 6.39 -3.67 18.87
CA LYS B 162 5.85 -4.90 19.42
C LYS B 162 5.44 -5.88 18.33
N CYS B 163 5.39 -7.16 18.67
CA CYS B 163 5.20 -8.20 17.66
C CYS B 163 3.82 -8.13 17.02
N ASN B 164 2.85 -7.58 17.73
CA ASN B 164 1.49 -7.43 17.20
C ASN B 164 1.16 -6.02 16.71
N VAL B 165 2.18 -5.24 16.38
CA VAL B 165 1.95 -3.90 15.84
C VAL B 165 1.20 -4.07 14.53
N ARG B 166 0.28 -3.16 14.26
CA ARG B 166 -0.60 -3.32 13.11
C ARG B 166 -0.09 -2.48 11.94
N ARG B 167 0.51 -3.16 10.96
CA ARG B 167 1.19 -2.49 9.84
C ARG B 167 0.28 -2.31 8.64
N VAL B 168 0.50 -1.20 7.95
CA VAL B 168 -0.09 -0.90 6.66
C VAL B 168 0.99 -0.22 5.80
N LEU B 169 1.20 -0.73 4.59
CA LEU B 169 2.10 -0.11 3.63
C LEU B 169 1.29 0.39 2.43
N LEU B 170 1.18 1.70 2.28
CA LEU B 170 0.40 2.30 1.19
C LEU B 170 1.20 2.34 -0.10
N HIS B 171 0.50 2.24 -1.22
CA HIS B 171 1.10 2.20 -2.55
C HIS B 171 0.21 2.99 -3.55
N GLY B 172 0.77 3.35 -4.70
CA GLY B 172 -0.01 3.87 -5.80
C GLY B 172 -0.44 5.33 -5.69
N ILE B 173 0.02 6.00 -4.64
CA ILE B 173 -0.49 7.34 -4.33
C ILE B 173 0.50 8.50 -4.58
N GLY B 174 1.80 8.21 -4.51
CA GLY B 174 2.80 9.20 -4.92
C GLY B 174 2.84 10.38 -3.96
N CYS B 175 2.67 11.60 -4.48
CA CYS B 175 2.86 12.81 -3.65
C CYS B 175 1.71 13.05 -2.68
N GLY B 176 0.56 12.43 -2.92
CA GLY B 176 -0.55 12.50 -1.97
C GLY B 176 -0.36 11.62 -0.73
N GLY B 177 0.74 10.87 -0.70
CA GLY B 177 0.95 9.85 0.31
C GLY B 177 1.11 10.28 1.75
N GLY B 178 1.68 11.46 1.97
CA GLY B 178 1.75 11.98 3.32
C GLY B 178 0.38 12.22 3.91
N ILE B 179 -0.47 12.92 3.16
CA ILE B 179 -1.82 13.20 3.63
C ILE B 179 -2.67 11.93 3.64
N SER B 180 -2.47 11.07 2.64
CA SER B 180 -3.16 9.79 2.55
C SER B 180 -2.90 8.97 3.82
N ALA B 181 -1.63 8.94 4.25
CA ALA B 181 -1.27 8.20 5.46
C ALA B 181 -1.95 8.78 6.71
N MET B 182 -2.02 10.12 6.79
CA MET B 182 -2.67 10.76 7.93
C MET B 182 -4.17 10.44 7.98
N ARG B 183 -4.78 10.42 6.79
CA ARG B 183 -6.20 10.10 6.63
C ARG B 183 -6.44 8.69 7.16
N VAL B 184 -5.66 7.74 6.70
CA VAL B 184 -5.84 6.36 7.13
C VAL B 184 -5.63 6.20 8.63
N ALA B 185 -4.52 6.73 9.12
CA ALA B 185 -4.21 6.63 10.54
C ALA B 185 -5.26 7.32 11.40
N HIS B 186 -5.76 8.45 10.93
CA HIS B 186 -6.81 9.18 11.64
C HIS B 186 -8.03 8.28 11.89
N GLU B 187 -8.50 7.61 10.84
CA GLU B 187 -9.67 6.74 10.96
C GLU B 187 -9.38 5.46 11.77
N LEU B 188 -8.19 4.87 11.58
CA LEU B 188 -7.81 3.71 12.40
C LEU B 188 -7.84 4.06 13.88
N LEU B 189 -7.29 5.22 14.22
CA LEU B 189 -7.28 5.66 15.60
C LEU B 189 -8.68 5.93 16.15
N LEU B 190 -9.55 6.53 15.33
CA LEU B 190 -10.95 6.67 15.71
C LEU B 190 -11.62 5.31 15.94
N GLY B 191 -11.18 4.29 15.21
CA GLY B 191 -11.67 2.93 15.43
C GLY B 191 -11.28 2.38 16.79
N SER B 192 -10.07 2.70 17.26
CA SER B 192 -9.66 2.31 18.60
C SER B 192 -10.41 3.12 19.67
N THR B 193 -10.62 4.40 19.39
CA THR B 193 -11.46 5.19 20.27
C THR B 193 -12.85 4.57 20.40
N GLN B 194 -13.36 4.01 19.29
CA GLN B 194 -14.65 3.33 19.33
C GLN B 194 -14.64 2.15 20.30
N GLN B 195 -13.51 1.44 20.36
CA GLN B 195 -13.35 0.30 21.27
C GLN B 195 -12.89 0.74 22.66
N GLY B 196 -12.67 2.04 22.83
CA GLY B 196 -12.22 2.59 24.11
C GLY B 196 -10.80 2.20 24.52
N VAL B 197 -9.91 1.98 23.58
CA VAL B 197 -8.55 1.58 23.93
C VAL B 197 -7.53 2.56 23.40
N PRO B 198 -6.35 2.58 24.01
CA PRO B 198 -5.28 3.46 23.52
C PRO B 198 -4.84 3.06 22.13
N ALA B 199 -4.50 4.06 21.31
CA ALA B 199 -3.90 3.83 20.02
C ALA B 199 -2.85 4.93 19.76
N ARG B 200 -1.70 4.52 19.24
CA ARG B 200 -0.64 5.47 18.89
C ARG B 200 -0.13 5.03 17.53
N ALA B 201 -0.20 5.91 16.53
CA ALA B 201 0.21 5.50 15.19
C ALA B 201 1.51 6.16 14.78
N LEU B 202 2.45 5.37 14.29
CA LEU B 202 3.63 5.93 13.63
C LEU B 202 3.37 6.01 12.14
N ILE B 203 3.43 7.22 11.58
CA ILE B 203 3.35 7.40 10.14
C ILE B 203 4.77 7.61 9.63
N VAL B 204 5.18 6.84 8.64
CA VAL B 204 6.53 6.99 8.09
C VAL B 204 6.49 7.07 6.57
N ALA B 205 7.02 8.16 6.04
CA ALA B 205 7.16 8.31 4.60
C ALA B 205 8.64 8.27 4.23
N CYS B 206 8.95 7.47 3.23
CA CYS B 206 10.35 7.31 2.82
C CYS B 206 10.47 7.38 1.31
N GLU B 207 11.21 8.37 0.80
CA GLU B 207 11.35 8.51 -0.65
C GLU B 207 12.80 8.68 -1.09
N VAL B 208 13.25 7.83 -1.99
CA VAL B 208 14.61 7.98 -2.52
C VAL B 208 14.62 8.04 -4.03
N PRO B 209 14.01 9.10 -4.59
CA PRO B 209 13.90 9.21 -6.05
C PRO B 209 15.25 9.31 -6.80
N THR B 210 16.32 9.79 -6.17
CA THR B 210 17.57 9.92 -6.91
C THR B 210 18.14 8.55 -7.28
N VAL B 211 17.65 7.52 -6.62
CA VAL B 211 17.96 6.15 -7.03
C VAL B 211 17.72 5.97 -8.53
N PHE B 212 16.65 6.57 -9.04
CA PHE B 212 16.25 6.39 -10.44
C PHE B 212 16.79 7.46 -11.38
N ALA B 213 17.68 8.30 -10.85
CA ALA B 213 18.18 9.42 -11.64
C ALA B 213 18.94 8.98 -12.88
N ARG B 214 19.72 7.91 -12.76
CA ARG B 214 20.49 7.41 -13.90
C ARG B 214 19.58 6.87 -15.01
N SER B 215 18.59 6.08 -14.62
CA SER B 215 17.59 5.59 -15.58
C SER B 215 16.84 6.73 -16.29
N GLU B 216 16.39 7.74 -15.54
CA GLU B 216 15.68 8.86 -16.14
C GLU B 216 16.55 9.64 -17.13
N LEU B 217 17.81 9.88 -16.78
CA LEU B 217 18.73 10.56 -17.70
C LEU B 217 18.88 9.77 -19.00
N ASP B 218 19.00 8.46 -18.87
CA ASP B 218 19.19 7.61 -20.02
C ASP B 218 17.93 7.60 -20.91
N ILE B 219 16.77 7.55 -20.30
CA ILE B 219 15.52 7.63 -21.05
C ILE B 219 15.37 8.97 -21.76
N MET B 220 15.78 10.05 -21.09
CA MET B 220 15.64 11.38 -21.67
C MET B 220 16.57 11.55 -22.86
N ASP B 221 17.77 10.98 -22.77
CA ASP B 221 18.73 11.04 -23.86
C ASP B 221 18.21 10.25 -25.06
N LYS B 222 17.71 9.05 -24.81
CA LYS B 222 17.23 8.18 -25.89
C LYS B 222 15.98 8.69 -26.61
N THR B 223 15.02 9.23 -25.86
CA THR B 223 13.76 9.70 -26.43
C THR B 223 13.80 11.18 -26.82
N GLN B 224 14.77 11.91 -26.25
CA GLN B 224 14.81 13.35 -26.38
C GLN B 224 13.56 14.02 -25.82
N ASP B 225 12.84 13.30 -24.98
CA ASP B 225 11.72 13.88 -24.23
C ASP B 225 12.26 14.50 -22.95
N VAL B 226 12.15 15.81 -22.83
CA VAL B 226 12.59 16.50 -21.63
C VAL B 226 11.80 16.05 -20.43
N ASN B 227 12.50 15.63 -19.38
CA ASN B 227 11.84 15.16 -18.16
C ASN B 227 12.14 16.10 -16.99
N VAL B 228 11.17 16.94 -16.62
CA VAL B 228 11.44 17.87 -15.51
C VAL B 228 11.56 17.17 -14.16
N ALA B 229 11.20 15.88 -14.08
CA ALA B 229 11.40 15.14 -12.83
C ALA B 229 12.87 15.18 -12.41
N MET B 230 13.76 15.21 -13.40
CA MET B 230 15.19 15.33 -13.16
C MET B 230 15.52 16.55 -12.31
N CYS B 231 14.68 17.58 -12.41
CA CYS B 231 14.96 18.89 -11.83
C CYS B 231 14.34 19.11 -10.45
N LEU B 232 13.32 18.32 -10.11
CA LEU B 232 12.45 18.67 -8.99
C LEU B 232 12.66 17.85 -7.74
N PHE B 233 13.00 16.57 -7.89
CA PHE B 233 12.85 15.63 -6.80
C PHE B 233 14.11 15.41 -5.99
N GLY B 234 13.93 15.17 -4.68
CA GLY B 234 15.05 14.88 -3.79
C GLY B 234 14.70 13.82 -2.78
N ASP B 235 15.70 13.36 -2.02
CA ASP B 235 15.55 12.25 -1.08
C ASP B 235 15.31 12.70 0.37
N CYS B 236 14.43 11.99 1.07
CA CYS B 236 14.02 12.39 2.41
C CYS B 236 13.17 11.32 3.05
N ALA B 237 13.20 11.24 4.38
CA ALA B 237 12.20 10.48 5.12
C ALA B 237 11.62 11.37 6.22
N ALA B 238 10.36 11.13 6.58
CA ALA B 238 9.72 11.93 7.62
C ALA B 238 8.67 11.10 8.31
N ALA B 239 8.30 11.51 9.52
CA ALA B 239 7.41 10.71 10.33
C ALA B 239 6.57 11.57 11.26
N LEU B 240 5.42 11.03 11.63
CA LEU B 240 4.53 11.64 12.60
C LEU B 240 4.15 10.59 13.63
N VAL B 241 3.85 11.02 14.85
CA VAL B 241 3.18 10.11 15.77
C VAL B 241 1.84 10.75 16.03
N LEU B 242 0.79 9.94 15.95
CA LEU B 242 -0.57 10.39 16.18
C LEU B 242 -1.10 9.62 17.37
N SER B 243 -2.00 10.23 18.13
CA SER B 243 -2.58 9.58 19.29
C SER B 243 -4.08 9.79 19.30
N ASN B 244 -4.81 8.79 19.79
CA ASN B 244 -6.25 8.95 19.98
C ASN B 244 -6.59 9.54 21.34
N GLY B 245 -5.55 9.83 22.13
CA GLY B 245 -5.73 10.54 23.39
C GLY B 245 -6.17 9.66 24.55
N ILE B 246 -6.45 8.38 24.28
CA ILE B 246 -6.85 7.47 25.35
C ILE B 246 -5.61 6.91 26.06
N GLY B 247 -5.66 6.87 27.39
CA GLY B 247 -4.54 6.37 28.18
C GLY B 247 -3.29 7.21 28.08
N HIS B 248 -3.48 8.53 27.98
CA HIS B 248 -2.37 9.47 27.91
C HIS B 248 -1.40 9.28 29.08
N LYS B 249 -0.10 9.28 28.81
CA LYS B 249 0.91 9.22 29.87
C LYS B 249 1.63 10.55 30.01
N ALA B 250 2.11 10.82 31.23
CA ALA B 250 2.78 12.08 31.52
C ALA B 250 4.01 12.32 30.65
N SER B 251 4.62 11.22 30.19
CA SER B 251 5.81 11.31 29.36
C SER B 251 5.49 11.76 27.92
N GLU B 252 4.22 11.73 27.55
CA GLU B 252 3.85 12.06 26.16
C GLU B 252 3.64 13.54 25.89
N GLN B 253 4.11 14.00 24.74
CA GLN B 253 3.88 15.38 24.36
C GLN B 253 2.38 15.62 24.18
N ARG B 254 1.89 16.77 24.65
CA ARG B 254 0.50 17.10 24.42
C ARG B 254 0.27 17.44 22.94
N PRO B 255 -0.97 17.34 22.49
CA PRO B 255 -1.38 17.65 21.12
C PRO B 255 -0.76 18.92 20.52
N ILE B 256 -0.11 18.74 19.37
CA ILE B 256 0.37 19.85 18.57
C ILE B 256 -0.76 20.40 17.71
N TRP B 257 -1.39 19.53 16.93
CA TRP B 257 -2.66 19.81 16.29
C TRP B 257 -3.61 18.65 16.55
N ASN B 258 -4.92 18.93 16.53
CA ASN B 258 -5.92 17.88 16.40
C ASN B 258 -6.27 17.72 14.93
N ILE B 259 -6.54 16.50 14.52
CA ILE B 259 -7.00 16.27 13.15
C ILE B 259 -8.52 16.20 13.18
N LEU B 260 -9.16 17.18 12.55
CA LEU B 260 -10.61 17.28 12.52
C LEU B 260 -11.24 16.42 11.42
N ASN B 261 -10.69 16.47 10.21
CA ASN B 261 -11.27 15.75 9.09
C ASN B 261 -10.28 15.64 7.96
N CYS B 262 -10.36 14.54 7.21
CA CYS B 262 -9.60 14.39 5.97
C CYS B 262 -10.58 14.02 4.86
N GLU B 263 -10.40 14.60 3.67
CA GLU B 263 -11.35 14.40 2.57
C GLU B 263 -10.62 14.38 1.22
N PRO B 264 -10.58 13.22 0.57
CA PRO B 264 -10.00 13.13 -0.77
C PRO B 264 -11.07 13.46 -1.84
N THR B 265 -10.66 14.02 -2.97
CA THR B 265 -11.54 14.22 -4.11
C THR B 265 -10.83 13.75 -5.36
N GLN B 266 -11.44 12.79 -6.04
CA GLN B 266 -10.93 12.33 -7.32
C GLN B 266 -11.68 13.09 -8.40
N PHE B 267 -10.93 13.76 -9.27
CA PHE B 267 -11.52 14.57 -10.33
C PHE B 267 -11.60 13.79 -11.64
N ASP B 268 -12.59 14.12 -12.46
CA ASP B 268 -12.73 13.53 -13.78
C ASP B 268 -11.48 13.82 -14.59
N GLY B 269 -11.11 12.88 -15.44
CA GLY B 269 -9.92 13.07 -16.25
C GLY B 269 -9.62 11.87 -17.11
N THR B 270 -9.18 12.15 -18.34
CA THR B 270 -8.82 11.11 -19.29
C THR B 270 -7.73 10.21 -18.69
N GLU B 271 -6.53 10.77 -18.53
CA GLU B 271 -5.44 10.06 -17.91
C GLU B 271 -5.01 10.82 -16.67
N ASP B 272 -4.15 10.22 -15.86
CA ASP B 272 -3.60 10.91 -14.71
C ASP B 272 -2.75 12.10 -15.18
N ILE B 273 -2.54 13.05 -14.27
CA ILE B 273 -1.72 14.23 -14.54
C ILE B 273 -0.23 14.01 -14.21
N ALA B 274 0.07 12.92 -13.49
CA ALA B 274 1.44 12.47 -13.28
C ALA B 274 1.43 10.94 -13.31
N HIS B 275 2.46 10.36 -13.90
CA HIS B 275 2.61 8.90 -13.90
C HIS B 275 3.99 8.51 -13.38
N PHE B 276 4.08 7.39 -12.69
CA PHE B 276 5.36 6.84 -12.29
C PHE B 276 5.29 5.38 -12.68
N ASN B 277 5.71 5.09 -13.92
CA ASN B 277 5.48 3.81 -14.57
C ASN B 277 6.66 2.85 -14.46
N VAL B 278 6.36 1.60 -14.12
CA VAL B 278 7.38 0.59 -13.94
C VAL B 278 7.99 0.19 -15.29
N HIS B 279 9.28 -0.10 -15.28
CA HIS B 279 9.96 -0.65 -16.45
C HIS B 279 11.16 -1.45 -15.95
N ASP B 280 12.02 -1.92 -16.87
CA ASP B 280 13.08 -2.86 -16.50
C ASP B 280 14.09 -2.28 -15.49
N LYS B 281 14.35 -0.98 -15.61
CA LYS B 281 15.38 -0.36 -14.78
C LYS B 281 14.80 0.56 -13.69
N GLY B 282 13.54 0.35 -13.32
CA GLY B 282 12.95 1.09 -12.21
C GLY B 282 11.60 1.70 -12.53
N TYR B 283 11.43 2.97 -12.15
CA TYR B 283 10.20 3.69 -12.47
C TYR B 283 10.56 4.92 -13.29
N HIS B 284 9.68 5.28 -14.22
CA HIS B 284 9.89 6.44 -15.07
C HIS B 284 8.76 7.43 -14.85
N ALA B 285 9.12 8.68 -14.61
CA ALA B 285 8.13 9.68 -14.29
C ALA B 285 7.66 10.40 -15.55
N ILE B 286 6.36 10.63 -15.62
CA ILE B 286 5.78 11.48 -16.64
C ILE B 286 5.04 12.59 -15.95
N ILE B 287 5.52 13.81 -16.14
CA ILE B 287 4.97 14.97 -15.43
C ILE B 287 4.26 15.82 -16.46
N ASP B 288 2.95 15.96 -16.30
CA ASP B 288 2.11 16.66 -17.28
C ASP B 288 2.25 18.19 -17.15
N LYS B 289 2.34 18.88 -18.29
CA LYS B 289 2.45 20.35 -18.26
C LYS B 289 1.22 21.04 -17.66
N ARG B 290 0.09 20.33 -17.63
CA ARG B 290 -1.17 20.95 -17.24
C ARG B 290 -1.40 20.98 -15.74
N ILE B 291 -0.43 20.52 -14.96
CA ILE B 291 -0.64 20.42 -13.52
C ILE B 291 -0.93 21.74 -12.83
N PRO B 292 -0.17 22.80 -13.15
CA PRO B 292 -0.50 24.07 -12.50
C PRO B 292 -1.91 24.56 -12.86
N GLN B 293 -2.31 24.44 -14.12
CA GLN B 293 -3.66 24.81 -14.55
C GLN B 293 -4.71 24.07 -13.76
N LEU B 294 -4.56 22.75 -13.69
CA LEU B 294 -5.55 21.91 -13.03
C LEU B 294 -5.59 22.21 -11.54
N THR B 295 -4.43 22.57 -11.00
CA THR B 295 -4.31 22.93 -9.59
C THR B 295 -5.20 24.14 -9.28
N GLY B 296 -5.18 25.12 -10.20
CA GLY B 296 -5.98 26.32 -10.02
C GLY B 296 -7.47 26.03 -10.02
N LYS B 297 -7.90 25.08 -10.86
CA LYS B 297 -9.32 24.74 -10.96
C LYS B 297 -9.80 23.89 -9.78
N CYS B 298 -8.97 22.94 -9.37
CA CYS B 298 -9.41 21.87 -8.50
C CYS B 298 -9.23 22.12 -7.00
N VAL B 299 -8.14 22.79 -6.62
CA VAL B 299 -7.87 23.03 -5.19
C VAL B 299 -9.02 23.72 -4.47
N PRO B 300 -9.60 24.77 -5.07
CA PRO B 300 -10.74 25.42 -4.41
C PRO B 300 -11.95 24.47 -4.27
N ALA B 301 -12.19 23.64 -5.29
CA ALA B 301 -13.23 22.63 -5.23
C ALA B 301 -12.92 21.62 -4.14
N GLY B 302 -11.67 21.18 -4.10
CA GLY B 302 -11.23 20.27 -3.04
C GLY B 302 -11.46 20.85 -1.66
N PHE B 303 -11.15 22.12 -1.50
CA PHE B 303 -11.27 22.77 -0.19
C PHE B 303 -12.73 22.87 0.20
N GLN B 304 -13.56 23.24 -0.78
CA GLN B 304 -14.99 23.36 -0.56
C GLN B 304 -15.58 22.02 -0.10
N SER B 305 -15.18 20.93 -0.75
CA SER B 305 -15.66 19.61 -0.37
C SER B 305 -15.19 19.25 1.03
N LEU B 306 -13.94 19.59 1.36
CA LEU B 306 -13.43 19.32 2.70
C LEU B 306 -14.30 20.00 3.76
N ILE B 307 -14.60 21.28 3.57
CA ILE B 307 -15.37 22.01 4.55
C ILE B 307 -16.81 21.49 4.64
N SER B 308 -17.45 21.31 3.49
CA SER B 308 -18.83 20.82 3.46
C SER B 308 -18.99 19.43 4.13
N SER B 309 -17.92 18.64 4.15
CA SER B 309 -17.95 17.31 4.77
C SER B 309 -17.51 17.36 6.24
N THR B 310 -17.28 18.58 6.75
CA THR B 310 -16.88 18.74 8.14
C THR B 310 -18.07 19.35 8.91
N PRO B 311 -18.85 18.51 9.60
CA PRO B 311 -20.11 18.95 10.21
C PRO B 311 -19.98 20.19 11.09
N SER B 312 -18.88 20.31 11.83
CA SER B 312 -18.71 21.45 12.73
C SER B 312 -18.37 22.75 11.99
N LEU B 313 -18.22 22.68 10.68
CA LEU B 313 -17.83 23.86 9.90
C LEU B 313 -18.74 24.11 8.71
N ALA B 314 -19.47 23.07 8.30
CA ALA B 314 -20.18 23.08 7.03
C ALA B 314 -21.26 24.14 6.91
N LEU B 315 -21.79 24.60 8.04
CA LEU B 315 -22.96 25.47 8.04
C LEU B 315 -22.63 26.94 7.75
N GLU B 316 -21.52 27.43 8.30
CA GLU B 316 -21.23 28.86 8.27
C GLU B 316 -20.44 29.31 7.04
N GLU B 317 -20.90 30.41 6.44
CA GLU B 317 -20.36 30.87 5.17
C GLU B 317 -18.89 31.31 5.27
N LYS B 318 -18.47 31.77 6.44
CA LYS B 318 -17.10 32.26 6.63
C LYS B 318 -16.09 31.12 6.57
N ASN B 319 -16.53 29.92 6.92
CA ASN B 319 -15.65 28.75 6.89
C ASN B 319 -15.28 28.33 5.48
N TYR B 320 -15.90 28.95 4.49
CA TYR B 320 -15.61 28.62 3.10
C TYR B 320 -14.64 29.61 2.47
N VAL B 321 -14.08 30.48 3.30
CA VAL B 321 -13.08 31.45 2.83
C VAL B 321 -11.68 30.97 3.18
N PRO B 322 -10.87 30.69 2.17
CA PRO B 322 -9.54 30.11 2.36
C PRO B 322 -8.65 30.93 3.28
N SER B 323 -8.72 32.26 3.19
CA SER B 323 -7.89 33.14 4.02
C SER B 323 -8.16 33.04 5.51
N ASN B 324 -9.30 32.46 5.88
CA ASN B 324 -9.58 32.22 7.30
C ASN B 324 -8.80 31.04 7.87
N TYR B 325 -8.00 30.39 7.03
CA TYR B 325 -7.20 29.23 7.46
C TYR B 325 -5.71 29.45 7.20
N GLY B 326 -4.88 28.79 7.99
CA GLY B 326 -3.49 28.59 7.62
C GLY B 326 -3.49 27.51 6.55
N TRP B 327 -2.43 27.46 5.74
CA TRP B 327 -2.39 26.55 4.60
C TRP B 327 -1.04 25.86 4.50
N ALA B 328 -1.05 24.58 4.15
CA ALA B 328 0.17 23.85 3.78
C ALA B 328 -0.11 23.11 2.49
N VAL B 329 0.65 23.40 1.44
CA VAL B 329 0.36 22.78 0.15
C VAL B 329 1.57 22.07 -0.40
N HIS B 330 1.37 20.82 -0.85
CA HIS B 330 2.47 20.07 -1.43
C HIS B 330 3.01 20.76 -2.66
N PRO B 331 4.28 21.17 -2.62
CA PRO B 331 4.85 21.96 -3.72
C PRO B 331 5.38 21.07 -4.83
N GLY B 332 4.49 20.53 -5.66
CA GLY B 332 4.90 19.61 -6.71
C GLY B 332 5.91 20.32 -7.58
N GLY B 333 5.67 21.60 -7.79
CA GLY B 333 6.61 22.48 -8.46
C GLY B 333 6.32 23.92 -8.05
N TYR B 334 7.24 24.82 -8.35
CA TYR B 334 7.04 26.22 -8.02
C TYR B 334 5.70 26.73 -8.57
N ALA B 335 5.44 26.45 -9.83
CA ALA B 335 4.20 26.90 -10.47
C ALA B 335 2.96 26.28 -9.82
N VAL B 336 3.11 25.08 -9.24
CA VAL B 336 2.00 24.47 -8.50
C VAL B 336 1.61 25.33 -7.28
N LEU B 337 2.60 25.74 -6.49
CA LEU B 337 2.33 26.65 -5.38
C LEU B 337 1.69 27.96 -5.85
N VAL B 338 2.24 28.57 -6.90
CA VAL B 338 1.69 29.82 -7.41
C VAL B 338 0.21 29.63 -7.77
N ALA B 339 -0.09 28.54 -8.48
CA ALA B 339 -1.46 28.28 -8.93
C ALA B 339 -2.47 28.18 -7.77
N ALA B 340 -2.09 27.49 -6.71
CA ALA B 340 -2.96 27.30 -5.56
C ALA B 340 -3.12 28.61 -4.82
N GLN B 341 -2.01 29.31 -4.67
CA GLN B 341 -1.97 30.61 -4.00
C GLN B 341 -2.96 31.58 -4.63
N ASP B 342 -2.88 31.73 -5.94
CA ASP B 342 -3.77 32.66 -6.65
C ASP B 342 -5.22 32.21 -6.58
N ALA B 343 -5.47 30.93 -6.89
CA ALA B 343 -6.83 30.40 -6.90
C ALA B 343 -7.50 30.47 -5.54
N LEU B 344 -6.72 30.42 -4.47
CA LEU B 344 -7.29 30.44 -3.12
C LEU B 344 -7.36 31.85 -2.50
N GLY B 345 -6.99 32.86 -3.27
CA GLY B 345 -6.95 34.22 -2.73
C GLY B 345 -5.85 34.47 -1.70
N LEU B 346 -4.88 33.58 -1.61
CA LEU B 346 -3.85 33.68 -0.58
C LEU B 346 -2.69 34.57 -1.02
N THR B 347 -1.77 34.81 -0.09
CA THR B 347 -0.51 35.45 -0.40
C THR B 347 0.61 34.43 -0.32
N ALA B 348 1.76 34.76 -0.91
CA ALA B 348 2.94 33.92 -0.77
C ALA B 348 3.36 33.77 0.70
N ASP B 349 3.14 34.80 1.50
CA ASP B 349 3.46 34.72 2.92
C ASP B 349 2.56 33.72 3.67
N ASP B 350 1.31 33.58 3.24
CA ASP B 350 0.44 32.53 3.77
C ASP B 350 1.09 31.15 3.57
N LEU B 351 1.70 30.97 2.40
CA LEU B 351 2.34 29.70 2.04
C LEU B 351 3.86 29.67 2.29
N ARG B 352 4.34 30.53 3.17
CA ARG B 352 5.76 30.67 3.45
C ARG B 352 6.47 29.33 3.75
N ALA B 353 5.90 28.54 4.66
CA ALA B 353 6.52 27.27 5.03
C ALA B 353 6.54 26.26 3.87
N SER B 354 5.56 26.38 2.97
CA SER B 354 5.50 25.52 1.79
C SER B 354 6.56 25.91 0.76
N TYR B 355 6.71 27.21 0.50
CA TYR B 355 7.79 27.69 -0.36
C TYR B 355 9.16 27.31 0.25
N ASP B 356 9.31 27.49 1.57
CA ASP B 356 10.58 27.20 2.24
C ASP B 356 10.97 25.73 2.12
N ALA B 357 10.01 24.83 2.28
CA ALA B 357 10.32 23.40 2.17
C ALA B 357 10.77 23.10 0.74
N TYR B 358 10.04 23.66 -0.22
CA TYR B 358 10.39 23.49 -1.63
C TYR B 358 11.77 24.07 -1.94
N ARG B 359 12.03 25.28 -1.44
CA ARG B 359 13.29 25.95 -1.69
C ARG B 359 14.48 25.18 -1.10
N ASP B 360 14.28 24.64 0.09
CA ASP B 360 15.37 23.91 0.75
C ASP B 360 14.92 22.46 0.97
N GLY B 361 15.12 21.63 -0.04
CA GLY B 361 14.70 20.25 0.02
C GLY B 361 14.10 19.78 -1.29
N GLY B 362 13.39 20.69 -1.96
CA GLY B 362 12.78 20.37 -3.22
C GLY B 362 11.51 19.56 -3.01
N ASN B 363 11.08 18.90 -4.08
CA ASN B 363 9.93 18.02 -4.00
C ASN B 363 10.38 16.66 -3.49
N THR B 364 10.03 16.34 -2.25
CA THR B 364 10.41 15.06 -1.65
C THR B 364 9.19 14.13 -1.54
N ILE B 365 8.26 14.33 -2.48
CA ILE B 365 7.10 13.44 -2.66
C ILE B 365 6.26 13.35 -1.39
N SER B 366 6.00 12.13 -0.93
CA SER B 366 5.09 11.94 0.21
C SER B 366 5.58 12.61 1.49
N THR B 367 6.89 12.82 1.63
CA THR B 367 7.45 13.40 2.84
C THR B 367 7.28 14.92 2.95
N THR B 368 6.93 15.58 1.84
CA THR B 368 6.99 17.04 1.82
C THR B 368 6.00 17.68 2.79
N ILE B 369 4.77 17.18 2.83
CA ILE B 369 3.77 17.77 3.71
C ILE B 369 4.21 17.69 5.18
N ILE B 370 4.89 16.60 5.55
CA ILE B 370 5.42 16.47 6.90
C ILE B 370 6.54 17.46 7.17
N ARG B 371 7.44 17.66 6.20
CA ARG B 371 8.47 18.69 6.36
C ARG B 371 7.85 20.08 6.58
N ILE B 372 6.71 20.32 5.95
CA ILE B 372 6.03 21.62 6.11
C ILE B 372 5.38 21.74 7.48
N LEU B 373 4.74 20.67 7.96
CA LEU B 373 4.21 20.68 9.32
C LEU B 373 5.31 20.94 10.34
N GLU B 374 6.47 20.31 10.14
CA GLU B 374 7.59 20.54 11.05
C GLU B 374 7.98 22.01 11.05
N LYS B 375 8.09 22.61 9.88
CA LYS B 375 8.44 24.02 9.80
C LYS B 375 7.42 24.88 10.54
N LEU B 376 6.14 24.60 10.29
CA LEU B 376 5.07 25.31 10.97
C LEU B 376 5.14 25.10 12.48
N ARG B 377 5.35 23.85 12.91
CA ARG B 377 5.51 23.58 14.33
C ARG B 377 6.66 24.41 14.92
N ASP B 378 7.82 24.38 14.26
CA ASP B 378 9.00 25.07 14.77
C ASP B 378 8.82 26.59 14.84
N GLU B 379 8.05 27.15 13.91
CA GLU B 379 7.81 28.58 13.91
C GLU B 379 6.92 28.97 15.08
N HIS B 380 5.99 28.09 15.45
CA HIS B 380 5.10 28.42 16.55
C HIS B 380 5.84 28.37 17.87
N LYS B 381 6.85 27.51 17.94
CA LYS B 381 7.67 27.40 19.14
C LYS B 381 8.50 28.68 19.34
N HIS B 382 8.63 29.45 18.27
CA HIS B 382 9.40 30.69 18.31
C HIS B 382 8.49 31.92 18.27
N GLY B 383 7.34 31.80 18.92
CA GLY B 383 6.48 32.94 19.16
C GLY B 383 5.66 33.41 17.98
N SER B 384 5.88 32.79 16.82
CA SER B 384 5.10 33.14 15.63
C SER B 384 3.63 32.92 15.88
N ASN B 385 2.79 33.75 15.29
CA ASN B 385 1.34 33.57 15.39
C ASN B 385 0.72 33.01 14.11
N GLN B 386 -0.03 31.93 14.27
CA GLN B 386 -0.67 31.23 13.15
C GLN B 386 -2.18 31.12 13.40
N LYS B 387 -2.94 30.90 12.34
CA LYS B 387 -4.39 30.75 12.46
C LYS B 387 -4.73 29.54 13.33
N ASP B 388 -5.98 29.43 13.76
CA ASP B 388 -6.43 28.33 14.61
C ASP B 388 -6.68 27.04 13.82
N LYS B 389 -7.02 27.19 12.55
CA LYS B 389 -7.26 26.04 11.70
C LYS B 389 -6.23 26.03 10.58
N LEU B 390 -5.91 24.83 10.10
CA LEU B 390 -4.86 24.63 9.12
C LEU B 390 -5.31 23.58 8.12
N VAL B 391 -5.27 23.95 6.84
CA VAL B 391 -5.63 23.04 5.77
C VAL B 391 -4.38 22.46 5.10
N LEU B 392 -4.34 21.14 4.94
CA LEU B 392 -3.31 20.47 4.15
C LEU B 392 -3.91 20.07 2.81
N ALA B 393 -3.14 20.19 1.75
CA ALA B 393 -3.59 19.74 0.44
C ALA B 393 -2.42 19.23 -0.39
N ALA B 394 -2.62 18.14 -1.11
CA ALA B 394 -1.59 17.60 -1.99
C ALA B 394 -2.21 16.75 -3.09
N TRP B 395 -1.66 16.85 -4.30
CA TRP B 395 -2.06 15.96 -5.37
C TRP B 395 -1.50 14.56 -5.14
N GLY B 396 -2.37 13.57 -5.33
CA GLY B 396 -2.01 12.16 -5.39
C GLY B 396 -2.42 11.60 -6.74
N HIS B 397 -1.91 10.41 -7.08
CA HIS B 397 -2.20 9.82 -8.38
C HIS B 397 -3.69 9.51 -8.53
N GLY B 398 -4.14 9.29 -9.76
CA GLY B 398 -5.55 9.14 -10.05
C GLY B 398 -6.27 10.48 -9.99
N ILE B 399 -5.55 11.55 -10.35
CA ILE B 399 -6.08 12.91 -10.27
C ILE B 399 -6.84 13.16 -8.98
N THR B 400 -6.26 12.76 -7.86
CA THR B 400 -6.97 12.81 -6.59
C THR B 400 -6.29 13.79 -5.65
N LEU B 401 -7.05 14.76 -5.18
CA LEU B 401 -6.54 15.70 -4.20
C LEU B 401 -6.80 15.17 -2.79
N GLU B 402 -5.74 14.96 -2.02
CA GLU B 402 -5.89 14.62 -0.62
C GLU B 402 -5.92 15.91 0.18
N THR B 403 -6.86 16.04 1.11
CA THR B 403 -6.89 17.21 1.98
C THR B 403 -7.14 16.81 3.40
N ALA B 404 -6.74 17.68 4.33
CA ALA B 404 -7.02 17.48 5.74
C ALA B 404 -7.21 18.84 6.42
N ILE B 405 -8.05 18.87 7.46
CA ILE B 405 -8.09 20.06 8.30
C ILE B 405 -7.64 19.77 9.74
N LEU B 406 -6.66 20.56 10.20
CA LEU B 406 -6.10 20.45 11.53
C LEU B 406 -6.49 21.67 12.35
N THR B 407 -6.64 21.50 13.66
CA THR B 407 -6.98 22.62 14.54
C THR B 407 -5.98 22.75 15.68
N ARG B 408 -5.68 23.99 16.05
CA ARG B 408 -4.85 24.22 17.22
C ARG B 408 -5.67 23.82 18.43
N PRO B 409 -5.05 23.12 19.39
CA PRO B 409 -5.78 22.80 20.61
C PRO B 409 -5.65 23.90 21.66
N1A COA C . 11.39 -25.40 -2.76
C2A COA C . 11.99 -26.31 -3.54
N3A COA C . 11.69 -27.62 -3.51
C4A COA C . 10.74 -28.10 -2.66
C5A COA C . 10.04 -27.16 -1.77
C6A COA C . 10.43 -25.74 -1.87
N6A COA C . 9.81 -24.85 -1.07
N7A COA C . 9.17 -27.87 -1.04
C8A COA C . 9.29 -29.16 -1.42
N9A COA C . 10.22 -29.30 -2.38
C1B COA C . 10.62 -30.58 -3.01
C2B COA C . 11.32 -31.48 -2.01
O2B COA C . 12.68 -31.13 -1.76
C3B COA C . 11.20 -32.84 -2.68
O3B COA C . 12.29 -33.06 -3.56
P3B COA C . 12.87 -34.53 -3.83
O7A COA C . 11.65 -35.35 -4.22
O8A COA C . 13.85 -34.34 -4.97
O9A COA C . 13.49 -34.93 -2.52
C4B COA C . 9.90 -32.72 -3.48
O4B COA C . 9.50 -31.35 -3.46
C5B COA C . 8.81 -33.60 -2.89
O5B COA C . 8.41 -33.05 -1.63
P1A COA C . 7.59 -33.92 -0.55
O1A COA C . 8.16 -33.61 0.81
O2A COA C . 7.48 -35.36 -1.05
O3A COA C . 6.14 -33.22 -0.63
P2A COA C . 5.02 -33.68 -1.70
O4A COA C . 5.68 -34.26 -2.93
O5A COA C . 3.96 -34.45 -0.94
O6A COA C . 4.41 -32.22 -2.08
CBP COA C . 4.60 -29.83 -2.32
CCP COA C . 5.23 -31.18 -2.66
CDP COA C . 5.34 -28.71 -3.03
CEP COA C . 3.15 -29.82 -2.80
CAP COA C . 4.69 -29.67 -0.79
OAP COA C . 6.04 -29.91 -0.35
C9P COA C . 4.21 -28.33 -0.28
O9P COA C . 3.02 -28.04 -0.41
N8P COA C . 5.07 -27.52 0.35
C7P COA C . 4.69 -26.21 0.83
C6P COA C . 4.96 -25.16 -0.24
C5P COA C . 4.92 -23.78 0.38
O5P COA C . 5.67 -23.52 1.32
N4P COA C . 4.04 -22.90 -0.13
C3P COA C . 3.89 -21.55 0.37
C2P COA C . 4.06 -20.49 -0.72
S1P COA C . 4.32 -18.88 0.06
N1A COA D . 7.50 19.06 -18.86
C2A COA D . 8.41 19.53 -19.73
N3A COA D . 8.75 20.83 -19.79
C4A COA D . 8.18 21.73 -18.96
C5A COA D . 7.19 21.30 -17.99
C6A COA D . 6.86 19.86 -17.98
N6A COA D . 5.95 19.41 -17.10
N7A COA D . 6.78 22.38 -17.30
C8A COA D . 7.48 23.44 -17.79
N9A COA D . 8.30 23.04 -18.78
C1B COA D . 9.21 23.89 -19.57
C2B COA D . 8.39 24.81 -20.46
O2B COA D . 7.90 24.15 -21.63
C3B COA D . 9.40 25.89 -20.78
O3B COA D . 10.08 25.50 -21.97
P3B COA D . 10.64 26.61 -23.00
O7A COA D . 11.66 27.38 -22.19
O8A COA D . 11.22 25.76 -24.11
O9A COA D . 9.40 27.41 -23.36
C4B COA D . 10.33 25.90 -19.58
O4B COA D . 10.02 24.76 -18.78
C5B COA D . 10.14 27.17 -18.77
O5B COA D . 8.85 27.15 -18.17
P1A COA D . 8.18 28.50 -17.58
O1A COA D . 6.72 28.44 -17.91
O2A COA D . 9.02 29.69 -17.98
O3A COA D . 8.31 28.22 -16.00
P2A COA D . 9.59 28.66 -15.11
O4A COA D . 10.83 28.70 -15.97
O5A COA D . 9.18 29.85 -14.29
O6A COA D . 9.70 27.36 -14.14
CBP COA D . 9.29 25.02 -13.66
CCP COA D . 9.86 26.02 -14.65
CDP COA D . 9.48 23.59 -14.16
CEP COA D . 10.01 25.15 -12.32
CAP COA D . 7.80 25.38 -13.48
OAP COA D . 7.19 25.48 -14.77
C9P COA D . 7.04 24.41 -12.60
O9P COA D . 7.14 24.52 -11.39
N8P COA D . 6.23 23.54 -13.17
C7P COA D . 5.42 22.61 -12.42
C6P COA D . 6.14 21.28 -12.32
C5P COA D . 5.16 20.23 -11.87
O5P COA D . 4.18 20.01 -12.57
N4P COA D . 5.44 19.60 -10.74
C3P COA D . 4.63 18.51 -10.21
C2P COA D . 5.33 17.17 -10.34
S1P COA D . 4.15 15.83 -9.99
#